data_3R6R
# 
_entry.id   3R6R 
# 
_audit_conform.dict_name       mmcif_pdbx.dic 
_audit_conform.dict_version    5.379 
_audit_conform.dict_location   http://mmcif.pdb.org/dictionaries/ascii/mmcif_pdbx.dic 
# 
loop_
_database_2.database_id 
_database_2.database_code 
_database_2.pdbx_database_accession 
_database_2.pdbx_DOI 
PDB   3R6R         pdb_00003r6r 10.2210/pdb3r6r/pdb 
NDB   NA1075       ?            ?                   
RCSB  RCSB064559   ?            ?                   
WWPDB D_1000064559 ?            ?                   
# 
_pdbx_database_status.entry_id                        3R6R 
_pdbx_database_status.status_code                     REL 
_pdbx_database_status.deposit_site                    RCSB 
_pdbx_database_status.process_site                    RCSB 
_pdbx_database_status.recvd_initial_deposition_date   2011-03-22 
_pdbx_database_status.status_code_sf                  REL 
_pdbx_database_status.status_code_mr                  ? 
_pdbx_database_status.SG_entry                        ? 
_pdbx_database_status.status_code_cs                  ? 
_pdbx_database_status.methods_development_category    ? 
_pdbx_database_status.pdb_format_compatible           Y 
_pdbx_database_status.status_code_nmr_data            ? 
# 
loop_
_audit_author.name 
_audit_author.pdbx_ordinal 
'Ferraroni, M.'   1 
'Bazzicalupi, C.' 2 
'Gratteri, P.'    3 
'Bilia, A.R.'     4 
# 
_citation.id                        primary 
_citation.title                     
;The crystal structure of human telomeric DNA complexed with berberine: an interesting case of stacked ligand to G-tetrad ratio higher than 1:1.
;
_citation.journal_abbrev            'Nucleic Acids Res.' 
_citation.journal_volume            41 
_citation.page_first                632 
_citation.page_last                 638 
_citation.year                      2013 
_citation.journal_id_ASTM           NARHAD 
_citation.country                   UK 
_citation.journal_id_ISSN           0305-1048 
_citation.journal_id_CSD            0389 
_citation.book_publisher            ? 
_citation.pdbx_database_id_PubMed   23104378 
_citation.pdbx_database_id_DOI      10.1093/nar/gks1001 
# 
loop_
_citation_author.citation_id 
_citation_author.name 
_citation_author.ordinal 
_citation_author.identifier_ORCID 
primary 'Bazzicalupi, C.' 1 ? 
primary 'Ferraroni, M.'   2 ? 
primary 'Bilia, A.R.'     3 ? 
primary 'Scheggi, F.'     4 ? 
primary 'Gratteri, P.'    5 ? 
# 
_cell.length_a           65.620 
_cell.length_b           65.620 
_cell.length_c           41.810 
_cell.angle_alpha        90.000 
_cell.angle_beta         90.000 
_cell.angle_gamma        120.000 
_cell.entry_id           3R6R 
_cell.pdbx_unique_axis   ? 
_cell.Z_PDB              6 
_cell.length_a_esd       ? 
_cell.length_b_esd       ? 
_cell.length_c_esd       ? 
_cell.angle_alpha_esd    ? 
_cell.angle_beta_esd     ? 
_cell.angle_gamma_esd    ? 
# 
_symmetry.space_group_name_H-M             'P 6' 
_symmetry.entry_id                         3R6R 
_symmetry.Int_Tables_number                168 
_symmetry.pdbx_full_space_group_name_H-M   ? 
_symmetry.cell_setting                     ? 
_symmetry.space_group_name_Hall            ? 
# 
loop_
_entity.id 
_entity.type 
_entity.src_method 
_entity.pdbx_description 
_entity.formula_weight 
_entity.pdbx_number_of_molecules 
_entity.pdbx_ec 
_entity.pdbx_mutation 
_entity.pdbx_fragment 
_entity.details 
1 polymer     syn 'DNA (22-mer)'  6983.497 1  ? ? ? 'telomeric DNA' 
2 non-polymer syn 'POTASSIUM ION' 39.098   2  ? ? ? ?               
3 non-polymer syn BERBERINE       336.361  4  ? ? ? ?               
4 water       nat water           18.015   29 ? ? ? ?               
# 
_entity_poly.entity_id                      1 
_entity_poly.type                           polydeoxyribonucleotide 
_entity_poly.nstd_linkage                   no 
_entity_poly.nstd_monomer                   no 
_entity_poly.pdbx_seq_one_letter_code       
;(DA)(DG)(DG)(DG)(DT)(DT)(DA)(DG)(DG)(DG)(DT)(DT)(DA)(DG)(DG)(DG)(DT)(DT)(DA)(DG)
(DG)(DG)
;
_entity_poly.pdbx_seq_one_letter_code_can   AGGGTTAGGGTTAGGGTTAGGG 
_entity_poly.pdbx_strand_id                 A 
_entity_poly.pdbx_target_identifier         ? 
# 
loop_
_entity_poly_seq.entity_id 
_entity_poly_seq.num 
_entity_poly_seq.mon_id 
_entity_poly_seq.hetero 
1 1  DA n 
1 2  DG n 
1 3  DG n 
1 4  DG n 
1 5  DT n 
1 6  DT n 
1 7  DA n 
1 8  DG n 
1 9  DG n 
1 10 DG n 
1 11 DT n 
1 12 DT n 
1 13 DA n 
1 14 DG n 
1 15 DG n 
1 16 DG n 
1 17 DT n 
1 18 DT n 
1 19 DA n 
1 20 DG n 
1 21 DG n 
1 22 DG n 
# 
_struct_ref.id                         1 
_struct_ref.db_name                    PDB 
_struct_ref.db_code                    3R6R 
_struct_ref.pdbx_db_accession          3R6R 
_struct_ref.entity_id                  1 
_struct_ref.pdbx_align_begin           ? 
_struct_ref.pdbx_seq_one_letter_code   AGGGTTAGGGTTAGGGTTAGGG 
_struct_ref.pdbx_db_isoform            ? 
# 
_struct_ref_seq.align_id                      1 
_struct_ref_seq.ref_id                        1 
_struct_ref_seq.pdbx_PDB_id_code              3R6R 
_struct_ref_seq.pdbx_strand_id                A 
_struct_ref_seq.seq_align_beg                 1 
_struct_ref_seq.pdbx_seq_align_beg_ins_code   ? 
_struct_ref_seq.seq_align_end                 22 
_struct_ref_seq.pdbx_seq_align_end_ins_code   ? 
_struct_ref_seq.pdbx_db_accession             3R6R 
_struct_ref_seq.db_align_beg                  2 
_struct_ref_seq.pdbx_db_align_beg_ins_code    ? 
_struct_ref_seq.db_align_end                  23 
_struct_ref_seq.pdbx_db_align_end_ins_code    ? 
_struct_ref_seq.pdbx_auth_seq_align_beg       2 
_struct_ref_seq.pdbx_auth_seq_align_end       23 
# 
loop_
_chem_comp.id 
_chem_comp.type 
_chem_comp.mon_nstd_flag 
_chem_comp.name 
_chem_comp.pdbx_synonyms 
_chem_comp.formula 
_chem_comp.formula_weight 
BER non-polymer   . BERBERINE                            ? 'C20 H18 N O4 1'  336.361 
DA  'DNA linking' y "2'-DEOXYADENOSINE-5'-MONOPHOSPHATE" ? 'C10 H14 N5 O6 P' 331.222 
DG  'DNA linking' y "2'-DEOXYGUANOSINE-5'-MONOPHOSPHATE" ? 'C10 H14 N5 O7 P' 347.221 
DT  'DNA linking' y "THYMIDINE-5'-MONOPHOSPHATE"         ? 'C10 H15 N2 O8 P' 322.208 
HOH non-polymer   . WATER                                ? 'H2 O'            18.015  
K   non-polymer   . 'POTASSIUM ION'                      ? 'K 1'             39.098  
# 
_exptl.crystals_number   1 
_exptl.entry_id          3R6R 
_exptl.method            'X-RAY DIFFRACTION' 
# 
_exptl_crystal.id                    1 
_exptl_crystal.density_Matthews      3.72 
_exptl_crystal.density_meas          ? 
_exptl_crystal.density_percent_sol   66.94 
_exptl_crystal.description           ? 
_exptl_crystal.F_000                 ? 
_exptl_crystal.preparation           ? 
# 
_exptl_crystal_grow.crystal_id      1 
_exptl_crystal_grow.method          'VAPOR DIFFUSION' 
_exptl_crystal_grow.pH              6.5 
_exptl_crystal_grow.temp            296 
_exptl_crystal_grow.pdbx_details    
'Ammonium sulphate, Lithium sulphate, potassium chloride, pH 6.5, vapor diffusion, temperature 296K' 
_exptl_crystal_grow.temp_details    ? 
_exptl_crystal_grow.pdbx_pH_range   ? 
# 
_diffrn.id                     1 
_diffrn.ambient_temp           100 
_diffrn.ambient_temp_details   ? 
_diffrn.crystal_id             1 
# 
_diffrn_detector.diffrn_id              1 
_diffrn_detector.detector               CCD 
_diffrn_detector.type                   'MARMOSAIC 225 mm CCD' 
_diffrn_detector.pdbx_collection_date   2010-11-15 
_diffrn_detector.details                ? 
# 
_diffrn_radiation.diffrn_id                        1 
_diffrn_radiation.pdbx_diffrn_protocol             'SINGLE WAVELENGTH' 
_diffrn_radiation.monochromator                    'Double crystal Si(111), horizontally focusing' 
_diffrn_radiation.wavelength_id                    1 
_diffrn_radiation.pdbx_monochromatic_or_laue_m_l   M 
_diffrn_radiation.pdbx_scattering_type             x-ray 
# 
_diffrn_radiation_wavelength.id           1 
_diffrn_radiation_wavelength.wavelength   1.0000 
_diffrn_radiation_wavelength.wt           1.0 
# 
_diffrn_source.diffrn_id                   1 
_diffrn_source.source                      SYNCHROTRON 
_diffrn_source.type                        'EMBL/DESY, HAMBURG BEAMLINE X12' 
_diffrn_source.pdbx_wavelength_list        1.0000 
_diffrn_source.pdbx_wavelength             ? 
_diffrn_source.pdbx_synchrotron_site       'EMBL/DESY, HAMBURG' 
_diffrn_source.pdbx_synchrotron_beamline   X12 
# 
_reflns.entry_id                     3R6R 
_reflns.d_resolution_high            2.300 
_reflns.d_resolution_low             56.828 
_reflns.number_all                   4674 
_reflns.number_obs                   4674 
_reflns.pdbx_netI_over_sigmaI        24.900 
_reflns.pdbx_Rsym_value              0.088 
_reflns.pdbx_redundancy              22.200 
_reflns.percent_possible_obs         100.000 
_reflns.observed_criterion_sigma_F   ? 
_reflns.observed_criterion_sigma_I   ? 
_reflns.pdbx_Rmerge_I_obs            ? 
_reflns.B_iso_Wilson_estimate        ? 
_reflns.R_free_details               ? 
_reflns.limit_h_max                  ? 
_reflns.limit_h_min                  ? 
_reflns.limit_k_max                  ? 
_reflns.limit_k_min                  ? 
_reflns.limit_l_max                  ? 
_reflns.limit_l_min                  ? 
_reflns.observed_criterion_F_max     ? 
_reflns.observed_criterion_F_min     ? 
_reflns.pdbx_chi_squared             ? 
_reflns.pdbx_scaling_rejects         ? 
_reflns.pdbx_ordinal                 1 
_reflns.pdbx_diffrn_id               1 
# 
loop_
_reflns_shell.d_res_high 
_reflns_shell.d_res_low 
_reflns_shell.number_measured_obs 
_reflns_shell.number_measured_all 
_reflns_shell.number_unique_obs 
_reflns_shell.Rmerge_I_obs 
_reflns_shell.meanI_over_sigI_obs 
_reflns_shell.pdbx_Rsym_value 
_reflns_shell.pdbx_chi_squared 
_reflns_shell.pdbx_redundancy 
_reflns_shell.percent_possible_obs 
_reflns_shell.number_unique_all 
_reflns_shell.percent_possible_all 
_reflns_shell.pdbx_ordinal 
_reflns_shell.pdbx_diffrn_id 
2.300 2.420  ? 15014 ? 0.681 1.100  0.681 ? 22.300 ? 673 100.000 1  ? 
2.420 2.570  ? 14259 ? 0.453 1.700  0.453 ? 22.400 ? 637 100.000 2  ? 
2.570 2.750  ? 13557 ? 0.270 2.800  0.270 ? 22.400 ? 606 100.000 3  ? 
2.750 2.970  ? 12555 ? 0.203 3.800  0.203 ? 22.400 ? 561 100.000 4  ? 
2.970 3.250  ? 11553 ? 0.071 7.800  0.071 ? 22.300 ? 518 100.000 5  ? 
3.250 3.640  ? 10474 ? 0.045 7.700  0.045 ? 22.300 ? 469 100.000 6  ? 
3.640 4.200  ? 9142  ? 0.071 8.700  0.071 ? 22.200 ? 411 100.000 7  ? 
4.200 5.140  ? 7905  ? 0.089 6.000  0.089 ? 22.100 ? 358 100.000 8  ? 
5.140 7.270  ? 5978  ? 0.067 8.900  0.067 ? 21.700 ? 276 100.000 9  ? 
7.270 41.810 ? 3337  ? 0.031 18.000 0.031 ? 20.200 ? 165 99.600  10 ? 
# 
_refine.entry_id                                 3R6R 
_refine.ls_d_res_high                            2.4000 
_refine.ls_d_res_low                             30.0000 
_refine.pdbx_ls_sigma_F                          0.000 
_refine.pdbx_data_cutoff_high_absF               ? 
_refine.pdbx_data_cutoff_low_absF                ? 
_refine.ls_percent_reflns_obs                    100.0000 
_refine.ls_number_reflns_obs                     4128 
_refine.ls_number_reflns_all                     ? 
_refine.pdbx_ls_cross_valid_method               THROUGHOUT 
_refine.pdbx_R_Free_selection_details            RANDOM 
_refine.details                                  ? 
_refine.ls_R_factor_all                          ? 
_refine.ls_R_factor_obs                          0.2172 
_refine.ls_R_factor_R_work                       0.2155 
_refine.ls_wR_factor_R_work                      0.2106 
_refine.ls_R_factor_R_free                       0.2519 
_refine.ls_wR_factor_R_free                      0.2498 
_refine.ls_percent_reflns_R_free                 4.6000 
_refine.ls_number_reflns_R_free                  188 
_refine.ls_R_factor_R_free_error                 ? 
_refine.B_iso_mean                               26.1470 
_refine.solvent_model_param_bsol                 ? 
_refine.solvent_model_param_ksol                 ? 
_refine.pdbx_isotropic_thermal_model             ? 
_refine.aniso_B[1][1]                            ? 
_refine.aniso_B[2][2]                            ? 
_refine.aniso_B[3][3]                            ? 
_refine.aniso_B[1][2]                            ? 
_refine.aniso_B[1][3]                            ? 
_refine.aniso_B[2][3]                            ? 
_refine.correlation_coeff_Fo_to_Fc               0.9480 
_refine.correlation_coeff_Fo_to_Fc_free          0.9600 
_refine.overall_SU_R_Cruickshank_DPI             0.3252 
_refine.overall_SU_R_free                        0.2389 
_refine.pdbx_overall_ESU_R_Free                  0.2390 
_refine.overall_SU_ML                            0.1620 
_refine.overall_SU_B                             ? 
_refine.solvent_model_details                    MASK 
_refine.pdbx_solvent_vdw_probe_radii             1.4000 
_refine.pdbx_solvent_ion_probe_radii             0.8000 
_refine.pdbx_solvent_shrinkage_radii             0.8000 
_refine.ls_number_parameters                     ? 
_refine.ls_number_restraints                     ? 
_refine.pdbx_starting_model                      'pdb entry code 3CDM' 
_refine.pdbx_method_to_determine_struct          'MOLECULAR REPLACEMENT' 
_refine.pdbx_stereochemistry_target_values       'MAXIMUM LIKELIHOOD' 
_refine.pdbx_stereochem_target_val_spec_case     ? 
_refine.overall_FOM_work_R_set                   0.8045 
_refine.B_iso_max                                49.160 
_refine.B_iso_min                                2.000 
_refine.occupancy_max                            1.000 
_refine.occupancy_min                            0.500 
_refine.pdbx_ls_sigma_I                          ? 
_refine.ls_redundancy_reflns_obs                 ? 
_refine.ls_R_factor_R_free_error_details         ? 
_refine.pdbx_data_cutoff_high_rms_absF           ? 
_refine.overall_FOM_free_R_set                   ? 
_refine.pdbx_overall_phase_error                 ? 
_refine.pdbx_refine_id                           'X-RAY DIFFRACTION' 
_refine.pdbx_overall_ESU_R                       ? 
_refine.pdbx_diffrn_id                           1 
_refine.pdbx_TLS_residual_ADP_flag               ? 
_refine.pdbx_overall_SU_R_free_Cruickshank_DPI   ? 
_refine.pdbx_overall_SU_R_Blow_DPI               ? 
_refine.pdbx_overall_SU_R_free_Blow_DPI          ? 
# 
_refine_hist.pdbx_refine_id                   'X-RAY DIFFRACTION' 
_refine_hist.cycle_id                         LAST 
_refine_hist.pdbx_number_atoms_protein        0 
_refine_hist.pdbx_number_atoms_nucleic_acid   465 
_refine_hist.pdbx_number_atoms_ligand         102 
_refine_hist.number_atoms_solvent             29 
_refine_hist.number_atoms_total               596 
_refine_hist.d_res_high                       2.4000 
_refine_hist.d_res_low                        30.0000 
# 
loop_
_refine_ls_restr.type 
_refine_ls_restr.number 
_refine_ls_restr.dev_ideal 
_refine_ls_restr.dev_ideal_target 
_refine_ls_restr.weight 
_refine_ls_restr.pdbx_restraint_function 
_refine_ls_restr.pdbx_refine_id 
r_bond_refined_d     640 0.008 0.021 ? ? 'X-RAY DIFFRACTION' 
r_angle_refined_deg  984 2.451 3.000 ? ? 'X-RAY DIFFRACTION' 
r_chiral_restr       91  0.058 0.200 ? ? 'X-RAY DIFFRACTION' 
r_gen_planes_refined 344 0.005 0.020 ? ? 'X-RAY DIFFRACTION' 
r_mcbond_it          12  0.199 1.500 ? ? 'X-RAY DIFFRACTION' 
r_mcangle_it         16  0.377 2.000 ? ? 'X-RAY DIFFRACTION' 
r_scbond_it          628 1.133 3.000 ? ? 'X-RAY DIFFRACTION' 
# 
_refine_ls_shell.d_res_high                       2.4000 
_refine_ls_shell.d_res_low                        2.4620 
_refine_ls_shell.pdbx_total_number_of_bins_used   20 
_refine_ls_shell.percent_reflns_obs               100.0000 
_refine_ls_shell.number_reflns_R_work             294 
_refine_ls_shell.R_factor_all                     ? 
_refine_ls_shell.R_factor_R_work                  0.4220 
_refine_ls_shell.R_factor_R_free                  0.4670 
_refine_ls_shell.percent_reflns_R_free            ? 
_refine_ls_shell.number_reflns_R_free             16 
_refine_ls_shell.R_factor_R_free_error            ? 
_refine_ls_shell.number_reflns_all                310 
_refine_ls_shell.number_reflns_obs                ? 
_refine_ls_shell.redundancy_reflns_obs            ? 
_refine_ls_shell.pdbx_refine_id                   'X-RAY DIFFRACTION' 
# 
_struct.entry_id                  3R6R 
_struct.title                     
'Structure of the complex of an intramolecular human telomeric DNA with Berberine formed in K+ solution' 
_struct.pdbx_model_details        ? 
_struct.pdbx_CASP_flag            ? 
_struct.pdbx_model_type_details   ? 
# 
_struct_keywords.entry_id        3R6R 
_struct_keywords.text            'DNA-DRUG COMPLEX, G-QUADRUPLEX, HUMAN TELOMERIC DNA, DNA, DNA-ANTIBIOTIC complex' 
_struct_keywords.pdbx_keywords   DNA/ANTIBIOTIC 
# 
loop_
_struct_asym.id 
_struct_asym.pdbx_blank_PDB_chainid_flag 
_struct_asym.pdbx_modified 
_struct_asym.entity_id 
_struct_asym.details 
A N N 1 ? 
B N N 2 ? 
C N N 2 ? 
D N N 3 ? 
E N N 3 ? 
F N N 3 ? 
G N N 3 ? 
H N N 4 ? 
# 
_struct_biol.id        1 
_struct_biol.details   ? 
# 
loop_
_struct_conn.id 
_struct_conn.conn_type_id 
_struct_conn.pdbx_leaving_atom_flag 
_struct_conn.pdbx_PDB_id 
_struct_conn.ptnr1_label_asym_id 
_struct_conn.ptnr1_label_comp_id 
_struct_conn.ptnr1_label_seq_id 
_struct_conn.ptnr1_label_atom_id 
_struct_conn.pdbx_ptnr1_label_alt_id 
_struct_conn.pdbx_ptnr1_PDB_ins_code 
_struct_conn.pdbx_ptnr1_standard_comp_id 
_struct_conn.ptnr1_symmetry 
_struct_conn.ptnr2_label_asym_id 
_struct_conn.ptnr2_label_comp_id 
_struct_conn.ptnr2_label_seq_id 
_struct_conn.ptnr2_label_atom_id 
_struct_conn.pdbx_ptnr2_label_alt_id 
_struct_conn.pdbx_ptnr2_PDB_ins_code 
_struct_conn.ptnr1_auth_asym_id 
_struct_conn.ptnr1_auth_comp_id 
_struct_conn.ptnr1_auth_seq_id 
_struct_conn.ptnr2_auth_asym_id 
_struct_conn.ptnr2_auth_comp_id 
_struct_conn.ptnr2_auth_seq_id 
_struct_conn.ptnr2_symmetry 
_struct_conn.pdbx_ptnr3_label_atom_id 
_struct_conn.pdbx_ptnr3_label_seq_id 
_struct_conn.pdbx_ptnr3_label_comp_id 
_struct_conn.pdbx_ptnr3_label_asym_id 
_struct_conn.pdbx_ptnr3_label_alt_id 
_struct_conn.pdbx_ptnr3_PDB_ins_code 
_struct_conn.details 
_struct_conn.pdbx_dist_value 
_struct_conn.pdbx_value_order 
_struct_conn.pdbx_role 
metalc1  metalc ? ? B K  .  K  ? ? ? 1_555 A DG  3  O6 ? ? A K  1  A DG  4  1_555 ? ? ? ? ? ? ?           2.970 ? ? 
metalc2  metalc ? ? B K  .  K  ? ? ? 1_555 A DG  4  O6 ? ? A K  1  A DG  5  1_555 ? ? ? ? ? ? ?           2.755 ? ? 
metalc3  metalc ? ? B K  .  K  ? ? ? 1_555 A DG  9  O6 ? ? A K  1  A DG  10 1_555 ? ? ? ? ? ? ?           2.723 ? ? 
metalc4  metalc ? ? B K  .  K  ? ? ? 1_555 A DG  10 O6 ? ? A K  1  A DG  11 1_555 ? ? ? ? ? ? ?           2.777 ? ? 
metalc5  metalc ? ? B K  .  K  ? ? ? 1_555 A DG  15 O6 ? ? A K  1  A DG  16 1_555 ? ? ? ? ? ? ?           2.859 ? ? 
metalc6  metalc ? ? B K  .  K  ? ? ? 1_555 A DG  16 O6 ? ? A K  1  A DG  17 1_555 ? ? ? ? ? ? ?           2.805 ? ? 
metalc7  metalc ? ? B K  .  K  ? ? ? 1_555 A DG  21 O6 ? ? A K  1  A DG  22 1_555 ? ? ? ? ? ? ?           2.912 ? ? 
metalc8  metalc ? ? B K  .  K  ? ? ? 1_555 A DG  22 O6 ? ? A K  1  A DG  23 1_555 ? ? ? ? ? ? ?           2.868 ? ? 
metalc9  metalc ? ? B K  .  K  ? ? ? 1_555 H HOH .  O  ? ? A K  1  A HOH 38 1_555 ? ? ? ? ? ? ?           3.278 ? ? 
metalc10 metalc ? ? A DG 2  O6 ? ? ? 1_555 C K   .  K  ? ? A DG 3  A K   24 1_555 ? ? ? ? ? ? ?           2.664 ? ? 
metalc11 metalc ? ? A DG 3  O6 ? ? ? 1_555 C K   .  K  ? ? A DG 4  A K   24 1_555 ? ? ? ? ? ? ?           2.921 ? ? 
metalc12 metalc ? ? A DG 8  O6 ? ? ? 1_555 C K   .  K  ? ? A DG 9  A K   24 1_555 ? ? ? ? ? ? ?           2.808 ? ? 
metalc13 metalc ? ? A DG 9  O6 ? ? ? 1_555 C K   .  K  ? ? A DG 10 A K   24 1_555 ? ? ? ? ? ? ?           2.804 ? ? 
metalc14 metalc ? ? A DG 14 O6 ? ? ? 1_555 C K   .  K  ? ? A DG 15 A K   24 1_555 ? ? ? ? ? ? ?           2.724 ? ? 
metalc15 metalc ? ? A DG 15 O6 ? ? ? 1_555 C K   .  K  ? ? A DG 16 A K   24 1_555 ? ? ? ? ? ? ?           2.865 ? ? 
metalc16 metalc ? ? A DG 20 O6 ? ? ? 1_555 C K   .  K  ? ? A DG 21 A K   24 1_555 ? ? ? ? ? ? ?           2.729 ? ? 
metalc17 metalc ? ? A DG 21 O6 ? ? ? 1_555 C K   .  K  ? ? A DG 22 A K   24 1_555 ? ? ? ? ? ? ?           2.858 ? ? 
hydrog1  hydrog ? ? A DG 2  N1 ? ? ? 1_555 A DG  8  O6 ? ? A DG 3  A DG  9  1_555 ? ? ? ? ? ? TYPE_6_PAIR ?     ? ? 
hydrog2  hydrog ? ? A DG 2  N2 ? ? ? 1_555 A DG  8  N7 ? ? A DG 3  A DG  9  1_555 ? ? ? ? ? ? TYPE_6_PAIR ?     ? ? 
hydrog3  hydrog ? ? A DG 2  N7 ? ? ? 1_555 A DG  20 N2 ? ? A DG 3  A DG  21 1_555 ? ? ? ? ? ? TYPE_6_PAIR ?     ? ? 
hydrog4  hydrog ? ? A DG 2  O6 ? ? ? 1_555 A DG  20 N1 ? ? A DG 3  A DG  21 1_555 ? ? ? ? ? ? TYPE_6_PAIR ?     ? ? 
hydrog5  hydrog ? ? A DG 3  N1 ? ? ? 1_555 A DG  9  O6 ? ? A DG 4  A DG  10 1_555 ? ? ? ? ? ? TYPE_6_PAIR ?     ? ? 
hydrog6  hydrog ? ? A DG 3  N2 ? ? ? 1_555 A DG  9  N7 ? ? A DG 4  A DG  10 1_555 ? ? ? ? ? ? TYPE_6_PAIR ?     ? ? 
hydrog7  hydrog ? ? A DG 3  N7 ? ? ? 1_555 A DG  21 N2 ? ? A DG 4  A DG  22 1_555 ? ? ? ? ? ? TYPE_6_PAIR ?     ? ? 
hydrog8  hydrog ? ? A DG 3  O6 ? ? ? 1_555 A DG  21 N1 ? ? A DG 4  A DG  22 1_555 ? ? ? ? ? ? TYPE_6_PAIR ?     ? ? 
hydrog9  hydrog ? ? A DG 4  N1 ? ? ? 1_555 A DG  10 O6 ? ? A DG 5  A DG  11 1_555 ? ? ? ? ? ? TYPE_6_PAIR ?     ? ? 
hydrog10 hydrog ? ? A DG 4  N2 ? ? ? 1_555 A DG  10 N7 ? ? A DG 5  A DG  11 1_555 ? ? ? ? ? ? TYPE_6_PAIR ?     ? ? 
hydrog11 hydrog ? ? A DG 4  N7 ? ? ? 1_555 A DG  22 N2 ? ? A DG 5  A DG  23 1_555 ? ? ? ? ? ? TYPE_6_PAIR ?     ? ? 
hydrog12 hydrog ? ? A DG 4  O6 ? ? ? 1_555 A DG  22 N1 ? ? A DG 5  A DG  23 1_555 ? ? ? ? ? ? TYPE_6_PAIR ?     ? ? 
hydrog13 hydrog ? ? A DG 8  N1 ? ? ? 1_555 A DG  14 O6 ? ? A DG 9  A DG  15 1_555 ? ? ? ? ? ? TYPE_6_PAIR ?     ? ? 
hydrog14 hydrog ? ? A DG 8  N2 ? ? ? 1_555 A DG  14 N7 ? ? A DG 9  A DG  15 1_555 ? ? ? ? ? ? TYPE_6_PAIR ?     ? ? 
hydrog15 hydrog ? ? A DG 9  N1 ? ? ? 1_555 A DG  15 O6 ? ? A DG 10 A DG  16 1_555 ? ? ? ? ? ? TYPE_6_PAIR ?     ? ? 
hydrog16 hydrog ? ? A DG 9  N2 ? ? ? 1_555 A DG  15 N7 ? ? A DG 10 A DG  16 1_555 ? ? ? ? ? ? TYPE_6_PAIR ?     ? ? 
hydrog17 hydrog ? ? A DG 10 N1 ? ? ? 1_555 A DG  16 O6 ? ? A DG 11 A DG  17 1_555 ? ? ? ? ? ? TYPE_6_PAIR ?     ? ? 
hydrog18 hydrog ? ? A DG 10 N2 ? ? ? 1_555 A DG  16 N7 ? ? A DG 11 A DG  17 1_555 ? ? ? ? ? ? TYPE_6_PAIR ?     ? ? 
hydrog19 hydrog ? ? A DG 14 N1 ? ? ? 1_555 A DG  20 O6 ? ? A DG 15 A DG  21 1_555 ? ? ? ? ? ? TYPE_6_PAIR ?     ? ? 
hydrog20 hydrog ? ? A DG 14 N2 ? ? ? 1_555 A DG  20 N7 ? ? A DG 15 A DG  21 1_555 ? ? ? ? ? ? TYPE_6_PAIR ?     ? ? 
hydrog21 hydrog ? ? A DG 15 N1 ? ? ? 1_555 A DG  21 O6 ? ? A DG 16 A DG  22 1_555 ? ? ? ? ? ? TYPE_6_PAIR ?     ? ? 
hydrog22 hydrog ? ? A DG 15 N2 ? ? ? 1_555 A DG  21 N7 ? ? A DG 16 A DG  22 1_555 ? ? ? ? ? ? TYPE_6_PAIR ?     ? ? 
hydrog23 hydrog ? ? A DG 16 N1 ? ? ? 1_555 A DG  22 O6 ? ? A DG 17 A DG  23 1_555 ? ? ? ? ? ? TYPE_6_PAIR ?     ? ? 
hydrog24 hydrog ? ? A DG 16 N2 ? ? ? 1_555 A DG  22 N7 ? ? A DG 17 A DG  23 1_555 ? ? ? ? ? ? TYPE_6_PAIR ?     ? ? 
# 
loop_
_struct_conn_type.id 
_struct_conn_type.criteria 
_struct_conn_type.reference 
metalc ? ? 
hydrog ? ? 
# 
loop_
_struct_site.id 
_struct_site.pdbx_evidence_code 
_struct_site.pdbx_auth_asym_id 
_struct_site.pdbx_auth_comp_id 
_struct_site.pdbx_auth_seq_id 
_struct_site.pdbx_auth_ins_code 
_struct_site.pdbx_num_residues 
_struct_site.details 
AC1 Software A K   1  ? 9 'BINDING SITE FOR RESIDUE K A 1'    
AC2 Software A K   24 ? 9 'BINDING SITE FOR RESIDUE K A 24'   
AC3 Software A BER 25 ? 7 'BINDING SITE FOR RESIDUE BER A 25' 
AC4 Software A BER 26 ? 5 'BINDING SITE FOR RESIDUE BER A 26' 
AC5 Software A BER 27 ? 6 'BINDING SITE FOR RESIDUE BER A 27' 
AC6 Software A BER 28 ? 6 'BINDING SITE FOR RESIDUE BER A 28' 
1   ?        ? ?   ?  ? ? ?                                   
# 
loop_
_struct_site_gen.id 
_struct_site_gen.site_id 
_struct_site_gen.pdbx_num_res 
_struct_site_gen.label_comp_id 
_struct_site_gen.label_asym_id 
_struct_site_gen.label_seq_id 
_struct_site_gen.pdbx_auth_ins_code 
_struct_site_gen.auth_comp_id 
_struct_site_gen.auth_asym_id 
_struct_site_gen.auth_seq_id 
_struct_site_gen.label_atom_id 
_struct_site_gen.label_alt_id 
_struct_site_gen.symmetry 
_struct_site_gen.details 
1  AC1 9 DG  A 3  ? DG  A 4  . ? 1_555 ? 
2  AC1 9 DG  A 4  ? DG  A 5  . ? 1_555 ? 
3  AC1 9 DG  A 9  ? DG  A 10 . ? 1_555 ? 
4  AC1 9 DG  A 10 ? DG  A 11 . ? 1_555 ? 
5  AC1 9 DG  A 15 ? DG  A 16 . ? 1_555 ? 
6  AC1 9 DG  A 16 ? DG  A 17 . ? 1_555 ? 
7  AC1 9 DG  A 21 ? DG  A 22 . ? 1_555 ? 
8  AC1 9 DG  A 22 ? DG  A 23 . ? 1_555 ? 
9  AC1 9 K   C .  ? K   A 24 . ? 1_555 ? 
10 AC2 9 K   B .  ? K   A 1  . ? 1_555 ? 
11 AC2 9 DG  A 2  ? DG  A 3  . ? 1_555 ? 
12 AC2 9 DG  A 3  ? DG  A 4  . ? 1_555 ? 
13 AC2 9 DG  A 8  ? DG  A 9  . ? 1_555 ? 
14 AC2 9 DG  A 9  ? DG  A 10 . ? 1_555 ? 
15 AC2 9 DG  A 14 ? DG  A 15 . ? 1_555 ? 
16 AC2 9 DG  A 15 ? DG  A 16 . ? 1_555 ? 
17 AC2 9 DG  A 20 ? DG  A 21 . ? 1_555 ? 
18 AC2 9 DG  A 21 ? DG  A 22 . ? 1_555 ? 
19 AC3 7 DA  A 1  ? DA  A 2  . ? 3_565 ? 
20 AC3 7 DG  A 4  ? DG  A 5  . ? 1_555 ? 
21 AC3 7 DG  A 10 ? DG  A 11 . ? 1_555 ? 
22 AC3 7 DT  A 12 ? DT  A 13 . ? 6_555 ? 
23 AC3 7 DG  A 22 ? DG  A 23 . ? 1_555 ? 
24 AC3 7 BER E .  ? BER A 26 . ? 1_555 ? 
25 AC3 7 HOH H .  ? HOH A 36 . ? 1_555 ? 
26 AC4 5 DA  A 1  ? DA  A 2  . ? 3_565 ? 
27 AC4 5 DT  A 12 ? DT  A 13 . ? 6_555 ? 
28 AC4 5 DG  A 16 ? DG  A 17 . ? 1_555 ? 
29 AC4 5 DG  A 22 ? DG  A 23 . ? 1_555 ? 
30 AC4 5 BER D .  ? BER A 25 . ? 1_555 ? 
31 AC5 6 DG  A 14 ? DG  A 15 . ? 4_665 ? 
32 AC5 6 DG  A 14 ? DG  A 15 . ? 1_555 ? 
33 AC5 6 DG  A 20 ? DG  A 21 . ? 1_555 ? 
34 AC5 6 DG  A 20 ? DG  A 21 . ? 4_665 ? 
35 AC5 6 BER G .  ? BER A 28 . ? 1_555 ? 
36 AC5 6 BER G .  ? BER A 28 . ? 4_665 ? 
37 AC6 6 DG  A 2  ? DG  A 3  . ? 1_555 ? 
38 AC6 6 DG  A 2  ? DG  A 3  . ? 4_665 ? 
39 AC6 6 DG  A 8  ? DG  A 9  . ? 4_665 ? 
40 AC6 6 DG  A 8  ? DG  A 9  . ? 1_555 ? 
41 AC6 6 BER F .  ? BER A 27 . ? 1_555 ? 
42 AC6 6 BER F .  ? BER A 27 . ? 4_665 ? 
# 
_atom_sites.entry_id                    3R6R 
_atom_sites.fract_transf_matrix[1][1]   -0.00199000 
_atom_sites.fract_transf_matrix[1][2]   0.01523777 
_atom_sites.fract_transf_matrix[1][3]   -0.00857218 
_atom_sites.fract_transf_matrix[2][1]   -0.00499306 
_atom_sites.fract_transf_matrix[2][2]   0.01442920 
_atom_sites.fract_transf_matrix[2][3]   0.00874767 
_atom_sites.fract_transf_matrix[3][1]   0.02292119 
_atom_sites.fract_transf_matrix[3][2]   0.00537024 
_atom_sites.fract_transf_matrix[3][3]   0.00422497 
_atom_sites.fract_transf_vector[1]      0.386443 
_atom_sites.fract_transf_vector[2]      0.439888 
_atom_sites.fract_transf_vector[3]      0.018440 
# 
loop_
_atom_type.symbol 
C 
K 
N 
O 
P 
# 
loop_
_atom_site.group_PDB 
_atom_site.id 
_atom_site.type_symbol 
_atom_site.label_atom_id 
_atom_site.label_alt_id 
_atom_site.label_comp_id 
_atom_site.label_asym_id 
_atom_site.label_entity_id 
_atom_site.label_seq_id 
_atom_site.pdbx_PDB_ins_code 
_atom_site.Cartn_x 
_atom_site.Cartn_y 
_atom_site.Cartn_z 
_atom_site.occupancy 
_atom_site.B_iso_or_equiv 
_atom_site.pdbx_formal_charge 
_atom_site.auth_seq_id 
_atom_site.auth_comp_id 
_atom_site.auth_asym_id 
_atom_site.auth_atom_id 
_atom_site.pdbx_PDB_model_num 
ATOM   1   O "O5'" . DA  A 1 1  ? -7.158  8.615   9.177   1.00 45.00 ? 2  DA  A "O5'" 1 
ATOM   2   C "C5'" . DA  A 1 1  ? -7.471  9.881   8.566   1.00 45.45 ? 2  DA  A "C5'" 1 
ATOM   3   C "C4'" . DA  A 1 1  ? -8.936  10.326  8.671   1.00 44.93 ? 2  DA  A "C4'" 1 
ATOM   4   O "O4'" . DA  A 1 1  ? -9.125  11.302  9.730   1.00 44.99 ? 2  DA  A "O4'" 1 
ATOM   5   C "C3'" . DA  A 1 1  ? -9.463  11.046  7.427   1.00 44.69 ? 2  DA  A "C3'" 1 
ATOM   6   O "O3'" . DA  A 1 1  ? -10.565 10.359  6.890   1.00 44.14 ? 2  DA  A "O3'" 1 
ATOM   7   C "C2'" . DA  A 1 1  ? -9.897  12.459  7.813   1.00 44.21 ? 2  DA  A "C2'" 1 
ATOM   8   C "C1'" . DA  A 1 1  ? -9.275  12.612  9.185   1.00 43.03 ? 2  DA  A "C1'" 1 
ATOM   9   N N9    . DA  A 1 1  ? -8.010  13.367  9.219   1.00 41.18 ? 2  DA  A N9    1 
ATOM   10  C C8    . DA  A 1 1  ? -6.730  12.888  9.324   1.00 39.94 ? 2  DA  A C8    1 
ATOM   11  N N7    . DA  A 1 1  ? -5.809  13.822  9.355   1.00 39.63 ? 2  DA  A N7    1 
ATOM   12  C C5    . DA  A 1 1  ? -6.532  14.999  9.271   1.00 38.96 ? 2  DA  A C5    1 
ATOM   13  C C6    . DA  A 1 1  ? -6.142  16.357  9.261   1.00 39.06 ? 2  DA  A C6    1 
ATOM   14  N N6    . DA  A 1 1  ? -4.863  16.754  9.336   1.00 39.04 ? 2  DA  A N6    1 
ATOM   15  N N1    . DA  A 1 1  ? -7.116  17.292  9.169   1.00 38.79 ? 2  DA  A N1    1 
ATOM   16  C C2    . DA  A 1 1  ? -8.392  16.893  9.081   1.00 39.71 ? 2  DA  A C2    1 
ATOM   17  N N3    . DA  A 1 1  ? -8.879  15.650  9.085   1.00 39.56 ? 2  DA  A N3    1 
ATOM   18  C C4    . DA  A 1 1  ? -7.888  14.741  9.184   1.00 39.85 ? 2  DA  A C4    1 
ATOM   19  P P     . DG  A 1 2  ? -10.290 9.642   5.495   1.00 44.12 ? 3  DG  A P     1 
ATOM   20  O OP1   . DG  A 1 2  ? -9.613  10.614  4.588   1.00 42.73 ? 3  DG  A OP1   1 
ATOM   21  O OP2   . DG  A 1 2  ? -11.550 8.961   5.088   1.00 43.86 ? 3  DG  A OP2   1 
ATOM   22  O "O5'" . DG  A 1 2  ? -9.213  8.548   5.981   1.00 41.25 ? 3  DG  A "O5'" 1 
ATOM   23  C "C5'" . DG  A 1 2  ? -8.013  8.324   5.272   1.00 35.36 ? 3  DG  A "C5'" 1 
ATOM   24  C "C4'" . DG  A 1 2  ? -8.289  7.247   4.258   1.00 31.39 ? 3  DG  A "C4'" 1 
ATOM   25  O "O4'" . DG  A 1 2  ? -7.139  7.142   3.409   1.00 29.70 ? 3  DG  A "O4'" 1 
ATOM   26  C "C3'" . DG  A 1 2  ? -8.527  5.866   4.843   1.00 30.34 ? 3  DG  A "C3'" 1 
ATOM   27  O "O3'" . DG  A 1 2  ? -9.868  5.499   4.547   1.00 30.17 ? 3  DG  A "O3'" 1 
ATOM   28  C "C2'" . DG  A 1 2  ? -7.522  4.960   4.129   1.00 28.96 ? 3  DG  A "C2'" 1 
ATOM   29  C "C1'" . DG  A 1 2  ? -7.048  5.815   2.961   1.00 26.88 ? 3  DG  A "C1'" 1 
ATOM   30  N N9    . DG  A 1 2  ? -5.655  5.590   2.609   1.00 23.27 ? 3  DG  A N9    1 
ATOM   31  C C8    . DG  A 1 2  ? -4.534  6.127   3.214   1.00 21.40 ? 3  DG  A C8    1 
ATOM   32  N N7    . DG  A 1 2  ? -3.414  5.732   2.670   1.00 20.38 ? 3  DG  A N7    1 
ATOM   33  C C5    . DG  A 1 2  ? -3.814  4.883   1.642   1.00 20.69 ? 3  DG  A C5    1 
ATOM   34  C C6    . DG  A 1 2  ? -3.060  4.148   0.695   1.00 19.46 ? 3  DG  A C6    1 
ATOM   35  O O6    . DG  A 1 2  ? -1.827  4.085   0.571   1.00 20.05 ? 3  DG  A O6    1 
ATOM   36  N N1    . DG  A 1 2  ? -3.864  3.409   -0.172  1.00 18.35 ? 3  DG  A N1    1 
ATOM   37  C C2    . DG  A 1 2  ? -5.247  3.386   -0.127  1.00 18.65 ? 3  DG  A C2    1 
ATOM   38  N N2    . DG  A 1 2  ? -5.891  2.623   -1.023  1.00 17.20 ? 3  DG  A N2    1 
ATOM   39  N N3    . DG  A 1 2  ? -5.963  4.069   0.749   1.00 19.59 ? 3  DG  A N3    1 
ATOM   40  C C4    . DG  A 1 2  ? -5.194  4.788   1.598   1.00 21.27 ? 3  DG  A C4    1 
ATOM   41  P P     . DG  A 1 3  ? -10.527 4.161   5.137   1.00 30.70 ? 4  DG  A P     1 
ATOM   42  O OP1   . DG  A 1 3  ? -11.996 4.366   5.051   1.00 31.71 ? 4  DG  A OP1   1 
ATOM   43  O OP2   . DG  A 1 3  ? -9.858  3.792   6.408   1.00 29.61 ? 4  DG  A OP2   1 
ATOM   44  O "O5'" . DG  A 1 3  ? -10.097 3.035   4.093   1.00 30.15 ? 4  DG  A "O5'" 1 
ATOM   45  C "C5'" . DG  A 1 3  ? -10.735 2.897   2.834   1.00 29.25 ? 4  DG  A "C5'" 1 
ATOM   46  C "C4'" . DG  A 1 3  ? -10.364 1.544   2.256   1.00 28.14 ? 4  DG  A "C4'" 1 
ATOM   47  O "O4'" . DG  A 1 3  ? -8.992  1.589   1.802   1.00 28.26 ? 4  DG  A "O4'" 1 
ATOM   48  C "C3'" . DG  A 1 3  ? -10.450 0.364   3.223   1.00 27.77 ? 4  DG  A "C3'" 1 
ATOM   49  O "O3'" . DG  A 1 3  ? -11.193 -0.645  2.578   1.00 28.41 ? 4  DG  A "O3'" 1 
ATOM   50  C "C2'" . DG  A 1 3  ? -8.998  -0.060  3.450   1.00 27.01 ? 4  DG  A "C2'" 1 
ATOM   51  C "C1'" . DG  A 1 3  ? -8.337  0.394   2.162   1.00 25.85 ? 4  DG  A "C1'" 1 
ATOM   52  N N9    . DG  A 1 3  ? -6.934  0.728   2.320   1.00 24.37 ? 4  DG  A N9    1 
ATOM   53  C C8    . DG  A 1 3  ? -6.383  1.579   3.249   1.00 24.07 ? 4  DG  A C8    1 
ATOM   54  N N7    . DG  A 1 3  ? -5.088  1.689   3.147   1.00 22.95 ? 4  DG  A N7    1 
ATOM   55  C C5    . DG  A 1 3  ? -4.772  0.866   2.078   1.00 22.18 ? 4  DG  A C5    1 
ATOM   56  C C6    . DG  A 1 3  ? -3.527  0.582   1.498   1.00 21.84 ? 4  DG  A C6    1 
ATOM   57  O O6    . DG  A 1 3  ? -2.425  1.024   1.837   1.00 23.45 ? 4  DG  A O6    1 
ATOM   58  N N1    . DG  A 1 3  ? -3.602  -0.302  0.430   1.00 22.04 ? 4  DG  A N1    1 
ATOM   59  C C2    . DG  A 1 3  ? -4.783  -0.853  -0.030  1.00 22.35 ? 4  DG  A C2    1 
ATOM   60  N N2    . DG  A 1 3  ? -4.704  -1.692  -1.073  1.00 20.48 ? 4  DG  A N2    1 
ATOM   61  N N3    . DG  A 1 3  ? -5.966  -0.592  0.507   1.00 22.50 ? 4  DG  A N3    1 
ATOM   62  C C4    . DG  A 1 3  ? -5.888  0.272   1.552   1.00 23.24 ? 4  DG  A C4    1 
ATOM   63  P P     . DG  A 1 4  ? -11.576 -2.011  3.298   1.00 28.95 ? 5  DG  A P     1 
ATOM   64  O OP1   . DG  A 1 4  ? -12.974 -2.344  2.937   1.00 30.90 ? 5  DG  A OP1   1 
ATOM   65  O OP2   . DG  A 1 4  ? -11.153 -1.964  4.712   1.00 29.52 ? 5  DG  A OP2   1 
ATOM   66  O "O5'" . DG  A 1 4  ? -10.621 -3.034  2.558   1.00 28.91 ? 5  DG  A "O5'" 1 
ATOM   67  C "C5'" . DG  A 1 4  ? -10.607 -3.140  1.150   1.00 27.70 ? 5  DG  A "C5'" 1 
ATOM   68  C "C4'" . DG  A 1 4  ? -9.731  -4.319  0.793   1.00 28.02 ? 5  DG  A "C4'" 1 
ATOM   69  O "O4'" . DG  A 1 4  ? -8.346  -3.889  0.766   1.00 27.40 ? 5  DG  A "O4'" 1 
ATOM   70  C "C3'" . DG  A 1 4  ? -9.781  -5.479  1.780   1.00 28.31 ? 5  DG  A "C3'" 1 
ATOM   71  O "O3'" . DG  A 1 4  ? -9.859  -6.654  1.012   1.00 31.17 ? 5  DG  A "O3'" 1 
ATOM   72  C "C2'" . DG  A 1 4  ? -8.453  -5.411  2.533   1.00 26.47 ? 5  DG  A "C2'" 1 
ATOM   73  C "C1'" . DG  A 1 4  ? -7.537  -4.794  1.482   1.00 24.94 ? 5  DG  A "C1'" 1 
ATOM   74  N N9    . DG  A 1 4  ? -6.446  -3.990  2.013   1.00 22.66 ? 5  DG  A N9    1 
ATOM   75  C C8    . DG  A 1 4  ? -6.555  -2.992  2.953   1.00 22.74 ? 5  DG  A C8    1 
ATOM   76  N N7    . DG  A 1 4  ? -5.423  -2.420  3.247   1.00 21.07 ? 5  DG  A N7    1 
ATOM   77  C C5    . DG  A 1 4  ? -4.512  -3.080  2.438   1.00 19.52 ? 5  DG  A C5    1 
ATOM   78  C C6    . DG  A 1 4  ? -3.120  -2.879  2.333   1.00 18.32 ? 5  DG  A C6    1 
ATOM   79  O O6    . DG  A 1 4  ? -2.440  -2.041  2.958   1.00 17.99 ? 5  DG  A O6    1 
ATOM   80  N N1    . DG  A 1 4  ? -2.524  -3.734  1.406   1.00 16.46 ? 5  DG  A N1    1 
ATOM   81  C C2    . DG  A 1 4  ? -3.212  -4.677  0.665   1.00 17.61 ? 5  DG  A C2    1 
ATOM   82  N N2    . DG  A 1 4  ? -2.483  -5.419  -0.179  1.00 15.88 ? 5  DG  A N2    1 
ATOM   83  N N3    . DG  A 1 4  ? -4.529  -4.876  0.753   1.00 18.39 ? 5  DG  A N3    1 
ATOM   84  C C4    . DG  A 1 4  ? -5.113  -4.045  1.666   1.00 20.11 ? 5  DG  A C4    1 
ATOM   85  P P     . DT  A 1 5  ? -11.004 -7.729  1.272   1.00 33.32 ? 6  DT  A P     1 
ATOM   86  O OP1   . DT  A 1 5  ? -10.917 -8.170  2.687   1.00 32.53 ? 6  DT  A OP1   1 
ATOM   87  O OP2   . DT  A 1 5  ? -10.916 -8.689  0.144   1.00 33.00 ? 6  DT  A OP2   1 
ATOM   88  O "O5'" . DT  A 1 5  ? -12.357 -6.897  1.111   1.00 33.94 ? 6  DT  A "O5'" 1 
ATOM   89  C "C5'" . DT  A 1 5  ? -12.887 -6.690  -0.185  1.00 36.22 ? 6  DT  A "C5'" 1 
ATOM   90  C "C4'" . DT  A 1 5  ? -14.200 -5.944  -0.048  1.00 37.34 ? 6  DT  A "C4'" 1 
ATOM   91  O "O4'" . DT  A 1 5  ? -13.953 -4.614  0.474   1.00 37.70 ? 6  DT  A "O4'" 1 
ATOM   92  C "C3'" . DT  A 1 5  ? -14.990 -5.786  -1.342  1.00 37.54 ? 6  DT  A "C3'" 1 
ATOM   93  O "O3'" . DT  A 1 5  ? -16.274 -6.404  -1.153  1.00 37.83 ? 6  DT  A "O3'" 1 
ATOM   94  C "C2'" . DT  A 1 5  ? -15.086 -4.270  -1.534  1.00 37.63 ? 6  DT  A "C2'" 1 
ATOM   95  C "C1'" . DT  A 1 5  ? -14.897 -3.746  -0.111  1.00 38.08 ? 6  DT  A "C1'" 1 
ATOM   96  N N1    . DT  A 1 5  ? -14.388 -2.339  0.020   1.00 38.83 ? 6  DT  A N1    1 
ATOM   97  C C2    . DT  A 1 5  ? -15.019 -1.461  0.888   1.00 39.59 ? 6  DT  A C2    1 
ATOM   98  O O2    . DT  A 1 5  ? -15.982 -1.744  1.579   1.00 39.77 ? 6  DT  A O2    1 
ATOM   99  N N3    . DT  A 1 5  ? -14.466 -0.205  0.934   1.00 39.87 ? 6  DT  A N3    1 
ATOM   100 C C4    . DT  A 1 5  ? -13.377 0.263   0.217   1.00 39.28 ? 6  DT  A C4    1 
ATOM   101 O O4    . DT  A 1 5  ? -12.980 1.421   0.342   1.00 39.85 ? 6  DT  A O4    1 
ATOM   102 C C5    . DT  A 1 5  ? -12.763 -0.702  -0.675  1.00 38.88 ? 6  DT  A C5    1 
ATOM   103 C C7    . DT  A 1 5  ? -11.571 -0.334  -1.512  1.00 37.41 ? 6  DT  A C7    1 
ATOM   104 C C6    . DT  A 1 5  ? -13.291 -1.936  -0.727  1.00 38.58 ? 6  DT  A C6    1 
ATOM   105 P P     . DT  A 1 6  ? -16.851 -7.545  -2.132  1.00 37.83 ? 7  DT  A P     1 
ATOM   106 O OP1   . DT  A 1 6  ? -18.061 -8.067  -1.451  1.00 38.32 ? 7  DT  A OP1   1 
ATOM   107 O OP2   . DT  A 1 6  ? -15.794 -8.485  -2.576  1.00 37.37 ? 7  DT  A OP2   1 
ATOM   108 O "O5'" . DT  A 1 6  ? -17.271 -6.668  -3.397  1.00 36.06 ? 7  DT  A "O5'" 1 
ATOM   109 C "C5'" . DT  A 1 6  ? -17.298 -7.212  -4.704  1.00 34.34 ? 7  DT  A "C5'" 1 
ATOM   110 C "C4'" . DT  A 1 6  ? -17.548 -6.062  -5.653  1.00 32.96 ? 7  DT  A "C4'" 1 
ATOM   111 O "O4'" . DT  A 1 6  ? -18.727 -5.323  -5.242  1.00 31.47 ? 7  DT  A "O4'" 1 
ATOM   112 C "C3'" . DT  A 1 6  ? -16.460 -5.009  -5.600  1.00 32.07 ? 7  DT  A "C3'" 1 
ATOM   113 O "O3'" . DT  A 1 6  ? -15.337 -5.452  -6.348  1.00 32.32 ? 7  DT  A "O3'" 1 
ATOM   114 C "C2'" . DT  A 1 6  ? -17.185 -3.815  -6.219  1.00 31.53 ? 7  DT  A "C2'" 1 
ATOM   115 C "C1'" . DT  A 1 6  ? -18.537 -3.944  -5.511  1.00 29.95 ? 7  DT  A "C1'" 1 
ATOM   116 N N1    . DT  A 1 6  ? -18.683 -3.138  -4.232  1.00 27.64 ? 7  DT  A N1    1 
ATOM   117 C C2    . DT  A 1 6  ? -18.895 -1.786  -4.356  1.00 26.46 ? 7  DT  A C2    1 
ATOM   118 O O2    . DT  A 1 6  ? -18.969 -1.241  -5.440  1.00 27.58 ? 7  DT  A O2    1 
ATOM   119 N N3    . DT  A 1 6  ? -19.030 -1.090  -3.180  1.00 25.80 ? 7  DT  A N3    1 
ATOM   120 C C4    . DT  A 1 6  ? -18.966 -1.612  -1.899  1.00 26.22 ? 7  DT  A C4    1 
ATOM   121 O O4    . DT  A 1 6  ? -19.096 -0.890  -0.904  1.00 26.22 ? 7  DT  A O4    1 
ATOM   122 C C5    . DT  A 1 6  ? -18.743 -3.043  -1.826  1.00 25.59 ? 7  DT  A C5    1 
ATOM   123 C C7    . DT  A 1 6  ? -18.660 -3.733  -0.496  1.00 25.83 ? 7  DT  A C7    1 
ATOM   124 C C6    . DT  A 1 6  ? -18.611 -3.730  -2.976  1.00 26.62 ? 7  DT  A C6    1 
ATOM   125 P P     . DA  A 1 7  ? -13.842 -5.084  -5.876  1.00 30.88 ? 8  DA  A P     1 
ATOM   126 O OP1   . DA  A 1 7  ? -12.957 -5.746  -6.867  1.00 31.05 ? 8  DA  A OP1   1 
ATOM   127 O OP2   . DA  A 1 7  ? -13.673 -5.320  -4.421  1.00 29.09 ? 8  DA  A OP2   1 
ATOM   128 O "O5'" . DA  A 1 7  ? -13.810 -3.504  -6.101  1.00 28.58 ? 8  DA  A "O5'" 1 
ATOM   129 C "C5'" . DA  A 1 7  ? -13.715 -2.955  -7.398  1.00 28.32 ? 8  DA  A "C5'" 1 
ATOM   130 C "C4'" . DA  A 1 7  ? -13.184 -1.540  -7.262  1.00 28.14 ? 8  DA  A "C4'" 1 
ATOM   131 O "O4'" . DA  A 1 7  ? -14.090 -0.779  -6.436  1.00 27.75 ? 8  DA  A "O4'" 1 
ATOM   132 C "C3'" . DA  A 1 7  ? -11.818 -1.423  -6.582  1.00 27.83 ? 8  DA  A "C3'" 1 
ATOM   133 O "O3'" . DA  A 1 7  ? -11.079 -0.382  -7.182  1.00 27.29 ? 8  DA  A "O3'" 1 
ATOM   134 C "C2'" . DA  A 1 7  ? -12.143 -1.053  -5.138  1.00 27.43 ? 8  DA  A "C2'" 1 
ATOM   135 C "C1'" . DA  A 1 7  ? -13.399 -0.211  -5.339  1.00 28.11 ? 8  DA  A "C1'" 1 
ATOM   136 N N9    . DA  A 1 7  ? -14.323 -0.215  -4.215  1.00 28.20 ? 8  DA  A N9    1 
ATOM   137 C C8    . DA  A 1 7  ? -15.060 -1.277  -3.770  1.00 29.07 ? 8  DA  A C8    1 
ATOM   138 N N7    . DA  A 1 7  ? -15.826 -0.993  -2.741  1.00 30.52 ? 8  DA  A N7    1 
ATOM   139 C C5    . DA  A 1 7  ? -15.573 0.350   -2.498  1.00 30.02 ? 8  DA  A C5    1 
ATOM   140 C C6    . DA  A 1 7  ? -16.069 1.259   -1.536  1.00 30.53 ? 8  DA  A C6    1 
ATOM   141 N N6    . DA  A 1 7  ? -16.960 0.913   -0.603  1.00 30.14 ? 8  DA  A N6    1 
ATOM   142 N N1    . DA  A 1 7  ? -15.608 2.536   -1.563  1.00 30.51 ? 8  DA  A N1    1 
ATOM   143 C C2    . DA  A 1 7  ? -14.710 2.876   -2.499  1.00 29.26 ? 8  DA  A C2    1 
ATOM   144 N N3    . DA  A 1 7  ? -14.176 2.106   -3.451  1.00 29.29 ? 8  DA  A N3    1 
ATOM   145 C C4    . DA  A 1 7  ? -14.648 0.847   -3.400  1.00 28.90 ? 8  DA  A C4    1 
ATOM   146 P P     . DG  A 1 8  ? -10.221 -0.628  -8.505  1.00 28.05 ? 9  DG  A P     1 
ATOM   147 O OP1   . DG  A 1 8  ? -10.280 0.617   -9.307  1.00 27.42 ? 9  DG  A OP1   1 
ATOM   148 O OP2   . DG  A 1 8  ? -10.559 -1.958  -9.058  1.00 28.79 ? 9  DG  A OP2   1 
ATOM   149 O "O5'" . DG  A 1 8  ? -8.726  -0.698  -7.965  1.00 28.04 ? 9  DG  A "O5'" 1 
ATOM   150 C "C5'" . DG  A 1 8  ? -8.417  -1.600  -6.954  1.00 24.67 ? 9  DG  A "C5'" 1 
ATOM   151 C "C4'" . DG  A 1 8  ? -6.979  -1.988  -7.117  1.00 22.43 ? 9  DG  A "C4'" 1 
ATOM   152 O "O4'" . DG  A 1 8  ? -6.130  -0.962  -6.551  1.00 21.54 ? 9  DG  A "O4'" 1 
ATOM   153 C "C3'" . DG  A 1 8  ? -6.688  -3.267  -6.367  1.00 21.77 ? 9  DG  A "C3'" 1 
ATOM   154 O "O3'" . DG  A 1 8  ? -5.998  -4.077  -7.275  1.00 21.65 ? 9  DG  A "O3'" 1 
ATOM   155 C "C2'" . DG  A 1 8  ? -5.842  -2.826  -5.175  1.00 20.64 ? 9  DG  A "C2'" 1 
ATOM   156 C "C1'" . DG  A 1 8  ? -5.163  -1.580  -5.729  1.00 20.01 ? 9  DG  A "C1'" 1 
ATOM   157 N N9    . DG  A 1 8  ? -4.753  -0.640  -4.695  1.00 18.37 ? 9  DG  A N9    1 
ATOM   158 C C8    . DG  A 1 8  ? -5.572  0.013   -3.802  1.00 18.11 ? 9  DG  A C8    1 
ATOM   159 N N7    . DG  A 1 8  ? -4.921  0.795   -2.983  1.00 17.22 ? 9  DG  A N7    1 
ATOM   160 C C5    . DG  A 1 8  ? -3.589  0.648   -3.372  1.00 17.08 ? 9  DG  A C5    1 
ATOM   161 C C6    . DG  A 1 8  ? -2.409  1.246   -2.857  1.00 16.93 ? 9  DG  A C6    1 
ATOM   162 O O6    . DG  A 1 8  ? -2.313  2.050   -1.921  1.00 17.62 ? 9  DG  A O6    1 
ATOM   163 N N1    . DG  A 1 8  ? -1.251  0.841   -3.516  1.00 15.98 ? 9  DG  A N1    1 
ATOM   164 C C2    . DG  A 1 8  ? -1.242  -0.045  -4.573  1.00 15.96 ? 9  DG  A C2    1 
ATOM   165 N N2    . DG  A 1 8  ? -0.047  -0.333  -5.106  1.00 15.85 ? 9  DG  A N2    1 
ATOM   166 N N3    . DG  A 1 8  ? -2.334  -0.618  -5.064  1.00 16.78 ? 9  DG  A N3    1 
ATOM   167 C C4    . DG  A 1 8  ? -3.470  -0.234  -4.417  1.00 16.77 ? 9  DG  A C4    1 
ATOM   168 P P     . DG  A 1 9  ? -5.672  -5.569  -6.869  1.00 23.14 ? 10 DG  A P     1 
ATOM   169 O OP1   . DG  A 1 9  ? -5.771  -6.347  -8.123  1.00 23.19 ? 10 DG  A OP1   1 
ATOM   170 O OP2   . DG  A 1 9  ? -6.435  -5.945  -5.657  1.00 21.82 ? 10 DG  A OP2   1 
ATOM   171 O "O5'" . DG  A 1 9  ? -4.139  -5.439  -6.402  1.00 22.27 ? 10 DG  A "O5'" 1 
ATOM   172 C "C5'" . DG  A 1 9  ? -3.117  -5.102  -7.332  1.00 20.87 ? 10 DG  A "C5'" 1 
ATOM   173 C "C4'" . DG  A 1 9  ? -1.764  -5.515  -6.782  1.00 18.79 ? 10 DG  A "C4'" 1 
ATOM   174 O "O4'" . DG  A 1 9  ? -1.325  -4.481  -5.881  1.00 17.14 ? 10 DG  A "O4'" 1 
ATOM   175 C "C3'" . DG  A 1 9  ? -1.764  -6.808  -5.981  1.00 18.90 ? 10 DG  A "C3'" 1 
ATOM   176 O "O3'" . DG  A 1 9  ? -0.688  -7.570  -6.441  1.00 19.74 ? 10 DG  A "O3'" 1 
ATOM   177 C "C2'" . DG  A 1 9  ? -1.584  -6.377  -4.527  1.00 17.15 ? 10 DG  A "C2'" 1 
ATOM   178 C "C1'" . DG  A 1 9  ? -0.899  -5.035  -4.666  1.00 16.56 ? 10 DG  A "C1'" 1 
ATOM   179 N N9    . DG  A 1 9  ? -1.221  -4.051  -3.642  1.00 15.98 ? 10 DG  A N9    1 
ATOM   180 C C8    . DG  A 1 9  ? -2.460  -3.731  -3.137  1.00 14.98 ? 10 DG  A C8    1 
ATOM   181 N N7    . DG  A 1 9  ? -2.402  -2.800  -2.226  1.00 15.52 ? 10 DG  A N7    1 
ATOM   182 C C5    . DG  A 1 9  ? -1.051  -2.476  -2.128  1.00 15.18 ? 10 DG  A C5    1 
ATOM   183 C C6    . DG  A 1 9  ? -0.378  -1.532  -1.312  1.00 16.00 ? 10 DG  A C6    1 
ATOM   184 O O6    . DG  A 1 9  ? -0.860  -0.745  -0.467  1.00 17.14 ? 10 DG  A O6    1 
ATOM   185 N N1    . DG  A 1 9  ? 1.005   -1.514  -1.521  1.00 15.16 ? 10 DG  A N1    1 
ATOM   186 C C2    . DG  A 1 9  ? 1.654   -2.322  -2.419  1.00 15.73 ? 10 DG  A C2    1 
ATOM   187 N N2    . DG  A 1 9  ? 2.984   -2.172  -2.486  1.00 14.81 ? 10 DG  A N2    1 
ATOM   188 N N3    . DG  A 1 9  ? 1.036   -3.218  -3.188  1.00 15.02 ? 10 DG  A N3    1 
ATOM   189 C C4    . DG  A 1 9  ? -0.309  -3.238  -2.996  1.00 15.42 ? 10 DG  A C4    1 
ATOM   190 P P     . DG  A 1 10 ? -0.279  -8.967  -5.803  1.00 19.30 ? 11 DG  A P     1 
ATOM   191 O OP1   . DG  A 1 10 ? 0.205   -9.827  -6.895  1.00 20.85 ? 11 DG  A OP1   1 
ATOM   192 O OP2   . DG  A 1 10 ? -1.354  -9.415  -4.904  1.00 21.75 ? 11 DG  A OP2   1 
ATOM   193 O "O5'" . DG  A 1 10 ? 0.992   -8.574  -4.931  1.00 19.90 ? 11 DG  A "O5'" 1 
ATOM   194 C "C5'" . DG  A 1 10 ? 2.041   -7.849  -5.550  1.00 19.89 ? 11 DG  A "C5'" 1 
ATOM   195 C "C4'" . DG  A 1 10 ? 3.254   -7.803  -4.648  1.00 21.37 ? 11 DG  A "C4'" 1 
ATOM   196 O "O4'" . DG  A 1 10 ? 3.105   -6.705  -3.715  1.00 21.30 ? 11 DG  A "O4'" 1 
ATOM   197 C "C3'" . DG  A 1 10 ? 3.445   -9.056  -3.805  1.00 22.98 ? 11 DG  A "C3'" 1 
ATOM   198 O "O3'" . DG  A 1 10 ? 4.825   -9.321  -3.713  1.00 25.83 ? 11 DG  A "O3'" 1 
ATOM   199 C "C2'" . DG  A 1 10 ? 2.859   -8.688  -2.441  1.00 22.21 ? 11 DG  A "C2'" 1 
ATOM   200 C "C1'" . DG  A 1 10 ? 3.139   -7.189  -2.387  1.00 20.42 ? 11 DG  A "C1'" 1 
ATOM   201 N N9    . DG  A 1 10 ? 2.186   -6.424  -1.597  1.00 18.60 ? 11 DG  A N9    1 
ATOM   202 C C8    . DG  A 1 10 ? 0.814   -6.526  -1.597  1.00 17.50 ? 11 DG  A C8    1 
ATOM   203 N N7    . DG  A 1 10 ? 0.242   -5.698  -0.763  1.00 17.62 ? 11 DG  A N7    1 
ATOM   204 C C5    . DG  A 1 10 ? 1.300   -5.000  -0.182  1.00 17.36 ? 11 DG  A C5    1 
ATOM   205 C C6    . DG  A 1 10 ? 1.310   -3.971  0.790   1.00 17.65 ? 11 DG  A C6    1 
ATOM   206 O O6    . DG  A 1 10 ? 0.336   -3.434  1.354   1.00 17.28 ? 11 DG  A O6    1 
ATOM   207 N N1    . DG  A 1 10 ? 2.604   -3.538  1.108   1.00 17.41 ? 11 DG  A N1    1 
ATOM   208 C C2    . DG  A 1 10 ? 3.757   -4.045  0.546   1.00 17.78 ? 11 DG  A C2    1 
ATOM   209 N N2    . DG  A 1 10 ? 4.923   -3.523  0.963   1.00 17.50 ? 11 DG  A N2    1 
ATOM   210 N N3    . DG  A 1 10 ? 3.755   -5.007  -0.371  1.00 17.75 ? 11 DG  A N3    1 
ATOM   211 C C4    . DG  A 1 10 ? 2.504   -5.435  -0.689  1.00 17.96 ? 11 DG  A C4    1 
ATOM   212 P P     . DT  A 1 11 ? 5.389   -10.812 -3.804  1.00 27.79 ? 12 DT  A P     1 
ATOM   213 O OP1   . DT  A 1 11 ? 4.541   -11.683 -2.959  1.00 27.33 ? 12 DT  A OP1   1 
ATOM   214 O OP2   . DT  A 1 11 ? 6.844   -10.672 -3.567  1.00 28.06 ? 12 DT  A OP2   1 
ATOM   215 O "O5'" . DT  A 1 11 ? 5.181   -11.250 -5.320  1.00 28.39 ? 12 DT  A "O5'" 1 
ATOM   216 C "C5'" . DT  A 1 11 ? 5.736   -10.488 -6.378  1.00 30.57 ? 12 DT  A "C5'" 1 
ATOM   217 C "C4'" . DT  A 1 11 ? 5.148   -10.987 -7.686  1.00 31.98 ? 12 DT  A "C4'" 1 
ATOM   218 O "O4'" . DT  A 1 11 ? 3.823   -10.432 -7.874  1.00 32.36 ? 12 DT  A "O4'" 1 
ATOM   219 C "C3'" . DT  A 1 11 ? 5.952   -10.642 -8.938  1.00 32.31 ? 12 DT  A "C3'" 1 
ATOM   220 O "O3'" . DT  A 1 11 ? 6.112   -11.841 -9.682  1.00 32.26 ? 12 DT  A "O3'" 1 
ATOM   221 C "C2'" . DT  A 1 11 ? 5.081   -9.629  -9.681  1.00 31.72 ? 12 DT  A "C2'" 1 
ATOM   222 C "C1'" . DT  A 1 11 ? 3.688   -10.050 -9.223  1.00 32.25 ? 12 DT  A "C1'" 1 
ATOM   223 N N1    . DT  A 1 11 ? 2.633   -9.003  -9.304  1.00 32.75 ? 12 DT  A N1    1 
ATOM   224 C C2    . DT  A 1 11 ? 1.371   -9.364  -9.753  1.00 33.27 ? 12 DT  A C2    1 
ATOM   225 O O2    . DT  A 1 11 ? 1.070   -10.495 -10.085 1.00 33.95 ? 12 DT  A O2    1 
ATOM   226 N N3    . DT  A 1 11 ? 0.454   -8.344  -9.793  1.00 32.77 ? 12 DT  A N3    1 
ATOM   227 C C4    . DT  A 1 11 ? 0.674   -7.025  -9.441  1.00 32.67 ? 12 DT  A C4    1 
ATOM   228 O O4    . DT  A 1 11 ? -0.214  -6.183  -9.524  1.00 33.86 ? 12 DT  A O4    1 
ATOM   229 C C5    . DT  A 1 11 ? 2.012   -6.712  -8.982  1.00 32.27 ? 12 DT  A C5    1 
ATOM   230 C C7    . DT  A 1 11 ? 2.369   -5.315  -8.573  1.00 31.67 ? 12 DT  A C7    1 
ATOM   231 C C6    . DT  A 1 11 ? 2.917   -7.702  -8.933  1.00 32.19 ? 12 DT  A C6    1 
ATOM   232 P P     . DT  A 1 12 ? 7.549   -12.430 -10.053 1.00 32.58 ? 13 DT  A P     1 
ATOM   233 O OP1   . DT  A 1 12 ? 7.337   -13.846 -10.430 1.00 32.39 ? 13 DT  A OP1   1 
ATOM   234 O OP2   . DT  A 1 12 ? 8.536   -12.077 -9.003  1.00 32.04 ? 13 DT  A OP2   1 
ATOM   235 O "O5'" . DT  A 1 12 ? 7.902   -11.607 -11.378 1.00 32.30 ? 13 DT  A "O5'" 1 
ATOM   236 C "C5'" . DT  A 1 12 ? 9.231   -11.097 -11.532 1.00 32.20 ? 13 DT  A "C5'" 1 
ATOM   237 C "C4'" . DT  A 1 12 ? 9.255   -9.993  -12.563 1.00 30.61 ? 13 DT  A "C4'" 1 
ATOM   238 O "O4'" . DT  A 1 12 ? 8.411   -10.386 -13.662 1.00 29.60 ? 13 DT  A "O4'" 1 
ATOM   239 C "C3'" . DT  A 1 12 ? 8.622   -8.704  -12.088 1.00 30.79 ? 13 DT  A "C3'" 1 
ATOM   240 O "O3'" . DT  A 1 12 ? 9.571   -7.952  -11.353 1.00 32.26 ? 13 DT  A "O3'" 1 
ATOM   241 C "C2'" . DT  A 1 12 ? 8.270   -8.041  -13.413 1.00 29.16 ? 13 DT  A "C2'" 1 
ATOM   242 C "C1'" . DT  A 1 12 ? 7.767   -9.243  -14.194 1.00 27.86 ? 13 DT  A "C1'" 1 
ATOM   243 N N1    . DT  A 1 12 ? 6.281   -9.474  -14.203 1.00 26.01 ? 13 DT  A N1    1 
ATOM   244 C C2    . DT  A 1 12 ? 5.459   -8.556  -14.836 1.00 26.05 ? 13 DT  A C2    1 
ATOM   245 O O2    . DT  A 1 12 ? 5.858   -7.540  -15.380 1.00 26.78 ? 13 DT  A O2    1 
ATOM   246 N N3    . DT  A 1 12 ? 4.122   -8.861  -14.823 1.00 26.15 ? 13 DT  A N3    1 
ATOM   247 C C4    . DT  A 1 12 ? 3.543   -9.972  -14.249 1.00 26.26 ? 13 DT  A C4    1 
ATOM   248 O O4    . DT  A 1 12 ? 2.330   -10.132 -14.288 1.00 28.29 ? 13 DT  A O4    1 
ATOM   249 C C5    . DT  A 1 12 ? 4.450   -10.899 -13.607 1.00 25.24 ? 13 DT  A C5    1 
ATOM   250 C C7    . DT  A 1 12 ? 3.923   -12.140 -12.953 1.00 25.05 ? 13 DT  A C7    1 
ATOM   251 C C6    . DT  A 1 12 ? 5.760   -10.615 -13.617 1.00 24.93 ? 13 DT  A C6    1 
ATOM   252 P P     . DA  A 1 13 ? 9.131   -7.127  -10.054 1.00 32.36 ? 14 DA  A P     1 
ATOM   253 O OP1   . DA  A 1 13 ? 10.331  -6.403  -9.584  1.00 32.72 ? 14 DA  A OP1   1 
ATOM   254 O OP2   . DA  A 1 13 ? 8.383   -8.012  -9.135  1.00 32.52 ? 14 DA  A OP2   1 
ATOM   255 O "O5'" . DA  A 1 13 ? 8.101   -6.077  -10.658 1.00 32.03 ? 14 DA  A "O5'" 1 
ATOM   256 C "C5'" . DA  A 1 13 ? 8.578   -5.006  -11.456 1.00 31.64 ? 14 DA  A "C5'" 1 
ATOM   257 C "C4'" . DA  A 1 13 ? 7.464   -3.998  -11.634 1.00 30.42 ? 14 DA  A "C4'" 1 
ATOM   258 O "O4'" . DA  A 1 13 ? 6.325   -4.632  -12.261 1.00 29.62 ? 14 DA  A "O4'" 1 
ATOM   259 C "C3'" . DA  A 1 13 ? 6.926   -3.396  -10.338 1.00 30.17 ? 14 DA  A "C3'" 1 
ATOM   260 O "O3'" . DA  A 1 13 ? 6.714   -2.005  -10.561 1.00 30.06 ? 14 DA  A "O3'" 1 
ATOM   261 C "C2'" . DA  A 1 13 ? 5.626   -4.158  -10.084 1.00 28.80 ? 14 DA  A "C2'" 1 
ATOM   262 C "C1'" . DA  A 1 13 ? 5.164   -4.318  -11.522 1.00 27.55 ? 14 DA  A "C1'" 1 
ATOM   263 N N9    . DA  A 1 13 ? 4.264   -5.413  -11.799 1.00 25.60 ? 14 DA  A N9    1 
ATOM   264 C C8    . DA  A 1 13 ? 4.575   -6.744  -11.840 1.00 25.57 ? 14 DA  A C8    1 
ATOM   265 N N7    . DA  A 1 13 ? 3.548   -7.503  -12.147 1.00 25.51 ? 14 DA  A N7    1 
ATOM   266 C C5    . DA  A 1 13 ? 2.512   -6.599  -12.329 1.00 25.16 ? 14 DA  A C5    1 
ATOM   267 C C6    . DA  A 1 13 ? 1.156   -6.766  -12.670 1.00 25.81 ? 14 DA  A C6    1 
ATOM   268 N N6    . DA  A 1 13 ? 0.614   -7.962  -12.901 1.00 26.50 ? 14 DA  A N6    1 
ATOM   269 N N1    . DA  A 1 13 ? 0.384   -5.661  -12.765 1.00 26.27 ? 14 DA  A N1    1 
ATOM   270 C C2    . DA  A 1 13 ? 0.946   -4.460  -12.531 1.00 26.30 ? 14 DA  A C2    1 
ATOM   271 N N3    . DA  A 1 13 ? 2.212   -4.180  -12.206 1.00 24.87 ? 14 DA  A N3    1 
ATOM   272 C C4    . DA  A 1 13 ? 2.941   -5.304  -12.120 1.00 24.61 ? 14 DA  A C4    1 
ATOM   273 P P     . DG  A 1 14 ? 7.948   -1.012  -10.320 1.00 30.86 ? 15 DG  A P     1 
ATOM   274 O OP1   . DG  A 1 14 ? 7.586   0.302   -10.897 1.00 29.77 ? 15 DG  A OP1   1 
ATOM   275 O OP2   . DG  A 1 14 ? 9.227   -1.670  -10.687 1.00 31.01 ? 15 DG  A OP2   1 
ATOM   276 O "O5'" . DG  A 1 14 ? 7.962   -0.927  -8.722  1.00 29.24 ? 15 DG  A "O5'" 1 
ATOM   277 C "C5'" . DG  A 1 14 ? 6.858   -0.435  -7.984  1.00 26.00 ? 15 DG  A "C5'" 1 
ATOM   278 C "C4'" . DG  A 1 14 ? 7.399   0.018   -6.647  1.00 23.64 ? 15 DG  A "C4'" 1 
ATOM   279 O "O4'" . DG  A 1 14 ? 6.383   0.769   -5.951  1.00 22.90 ? 15 DG  A "O4'" 1 
ATOM   280 C "C3'" . DG  A 1 14 ? 7.832   -1.098  -5.708  1.00 23.44 ? 15 DG  A "C3'" 1 
ATOM   281 O "O3'" . DG  A 1 14 ? 9.078   -0.693  -5.150  1.00 23.91 ? 15 DG  A "O3'" 1 
ATOM   282 C "C2'" . DG  A 1 14 ? 6.696   -1.161  -4.683  1.00 22.56 ? 15 DG  A "C2'" 1 
ATOM   283 C "C1'" . DG  A 1 14 ? 6.223   0.289   -4.633  1.00 21.21 ? 15 DG  A "C1'" 1 
ATOM   284 N N9    . DG  A 1 14 ? 4.816   0.504   -4.292  1.00 19.67 ? 15 DG  A N9    1 
ATOM   285 C C8    . DG  A 1 14 ? 3.697   -0.066  -4.871  1.00 18.10 ? 15 DG  A C8    1 
ATOM   286 N N7    . DG  A 1 14 ? 2.573   0.349   -4.351  1.00 17.90 ? 15 DG  A N7    1 
ATOM   287 C C5    . DG  A 1 14 ? 2.964   1.257   -3.377  1.00 17.49 ? 15 DG  A C5    1 
ATOM   288 C C6    . DG  A 1 14 ? 2.195   2.041   -2.480  1.00 17.82 ? 15 DG  A C6    1 
ATOM   289 O O6    . DG  A 1 14 ? 0.958   2.078   -2.358  1.00 18.74 ? 15 DG  A O6    1 
ATOM   290 N N1    . DG  A 1 14 ? 2.989   2.837   -1.648  1.00 17.20 ? 15 DG  A N1    1 
ATOM   291 C C2    . DG  A 1 14 ? 4.377   2.868   -1.695  1.00 17.24 ? 15 DG  A C2    1 
ATOM   292 N N2    . DG  A 1 14 ? 5.022   3.677   -0.834  1.00 17.38 ? 15 DG  A N2    1 
ATOM   293 N N3    . DG  A 1 14 ? 5.095   2.143   -2.532  1.00 16.58 ? 15 DG  A N3    1 
ATOM   294 C C4    . DG  A 1 14 ? 4.338   1.367   -3.334  1.00 17.97 ? 15 DG  A C4    1 
ATOM   295 P P     . DG  A 1 15 ? 9.916   -1.569  -4.107  1.00 24.54 ? 16 DG  A P     1 
ATOM   296 O OP1   . DG  A 1 15 ? 11.342  -1.334  -4.409  1.00 26.02 ? 16 DG  A OP1   1 
ATOM   297 O OP2   . DG  A 1 15 ? 9.370   -2.942  -4.033  1.00 24.88 ? 16 DG  A OP2   1 
ATOM   298 O "O5'" . DG  A 1 15 ? 9.574   -0.864  -2.730  1.00 24.12 ? 16 DG  A "O5'" 1 
ATOM   299 C "C5'" . DG  A 1 15 ? 9.912   0.482   -2.490  1.00 22.91 ? 16 DG  A "C5'" 1 
ATOM   300 C "C4'" . DG  A 1 15 ? 9.750   0.736   -1.008  1.00 22.79 ? 16 DG  A "C4'" 1 
ATOM   301 O "O4'" . DG  A 1 15 ? 8.362   1.026   -0.736  1.00 23.24 ? 16 DG  A "O4'" 1 
ATOM   302 C "C3'" . DG  A 1 15 ? 10.098  -0.440  -0.106  1.00 23.81 ? 16 DG  A "C3'" 1 
ATOM   303 O "O3'" . DG  A 1 15 ? 10.755  0.068   1.032   1.00 25.60 ? 16 DG  A "O3'" 1 
ATOM   304 C "C2'" . DG  A 1 15 ? 8.738   -1.018  0.271   1.00 23.65 ? 16 DG  A "C2'" 1 
ATOM   305 C "C1'" . DG  A 1 15 ? 7.908   0.252   0.353   1.00 21.89 ? 16 DG  A "C1'" 1 
ATOM   306 N N9    . DG  A 1 15 ? 6.483   0.046   0.150   1.00 20.24 ? 16 DG  A N9    1 
ATOM   307 C C8    . DG  A 1 15 ? 5.908   -0.731  -0.821  1.00 19.54 ? 16 DG  A C8    1 
ATOM   308 N N7    . DG  A 1 15 ? 4.612   -0.723  -0.774  1.00 19.45 ? 16 DG  A N7    1 
ATOM   309 C C5    . DG  A 1 15 ? 4.315   0.127   0.282   1.00 19.30 ? 16 DG  A C5    1 
ATOM   310 C C6    . DG  A 1 15 ? 3.068   0.529   0.806   1.00 19.29 ? 16 DG  A C6    1 
ATOM   311 O O6    . DG  A 1 15 ? 1.930   0.216   0.431   1.00 20.80 ? 16 DG  A O6    1 
ATOM   312 N N1    . DG  A 1 15 ? 3.179   1.391   1.882   1.00 19.35 ? 16 DG  A N1    1 
ATOM   313 C C2    . DG  A 1 15 ? 4.370   1.832   2.398   1.00 18.42 ? 16 DG  A C2    1 
ATOM   314 N N2    . DG  A 1 15 ? 4.279   2.666   3.442   1.00 17.58 ? 16 DG  A N2    1 
ATOM   315 N N3    . DG  A 1 15 ? 5.548   1.468   1.921   1.00 19.04 ? 16 DG  A N3    1 
ATOM   316 C C4    . DG  A 1 15 ? 5.451   0.616   0.864   1.00 19.61 ? 16 DG  A C4    1 
ATOM   317 P P     . DG  A 1 16 ? 11.437  -0.886  2.117   1.00 25.93 ? 17 DG  A P     1 
ATOM   318 O OP1   . DG  A 1 16 ? 12.789  -0.338  2.392   1.00 27.37 ? 17 DG  A OP1   1 
ATOM   319 O OP2   . DG  A 1 16 ? 11.283  -2.295  1.719   1.00 25.89 ? 17 DG  A OP2   1 
ATOM   320 O "O5'" . DG  A 1 16 ? 10.543  -0.581  3.391   1.00 25.91 ? 17 DG  A "O5'" 1 
ATOM   321 C "C5'" . DG  A 1 16 ? 10.410  0.765   3.840   1.00 24.91 ? 17 DG  A "C5'" 1 
ATOM   322 C "C4'" . DG  A 1 16 ? 9.701   0.803   5.174   1.00 25.01 ? 17 DG  A "C4'" 1 
ATOM   323 O "O4'" . DG  A 1 16 ? 8.280   0.799   4.920   1.00 25.06 ? 17 DG  A "O4'" 1 
ATOM   324 C "C3'" . DG  A 1 16 ? 9.951   -0.387  6.090   1.00 26.35 ? 17 DG  A "C3'" 1 
ATOM   325 O "O3'" . DG  A 1 16 ? 10.048  0.094   7.419   1.00 29.55 ? 17 DG  A "O3'" 1 
ATOM   326 C "C2'" . DG  A 1 16 ? 8.708   -1.259  5.923   1.00 25.04 ? 17 DG  A "C2'" 1 
ATOM   327 C "C1'" . DG  A 1 16 ? 7.639   -0.204  5.673   1.00 23.47 ? 17 DG  A "C1'" 1 
ATOM   328 N N9    . DG  A 1 16 ? 6.516   -0.675  4.867   1.00 22.50 ? 17 DG  A N9    1 
ATOM   329 C C8    . DG  A 1 16 ? 6.598   -1.410  3.711   1.00 21.81 ? 17 DG  A C8    1 
ATOM   330 N N7    . DG  A 1 16 ? 5.433   -1.699  3.200   1.00 21.12 ? 17 DG  A N7    1 
ATOM   331 C C5    . DG  A 1 16 ? 4.526   -1.109  4.071   1.00 19.68 ? 17 DG  A C5    1 
ATOM   332 C C6    . DG  A 1 16 ? 3.110   -1.092  4.026   1.00 18.91 ? 17 DG  A C6    1 
ATOM   333 O O6    . DG  A 1 16 ? 2.382   -1.609  3.159   1.00 18.00 ? 17 DG  A O6    1 
ATOM   334 N N1    . DG  A 1 16 ? 2.544   -0.394  5.092   1.00 16.98 ? 17 DG  A N1    1 
ATOM   335 C C2    . DG  A 1 16 ? 3.274   0.218   6.090   1.00 18.67 ? 17 DG  A C2    1 
ATOM   336 N N2    . DG  A 1 16 ? 2.581   0.856   7.058   1.00 16.24 ? 17 DG  A N2    1 
ATOM   337 N N3    . DG  A 1 16 ? 4.607   0.203   6.135   1.00 19.06 ? 17 DG  A N3    1 
ATOM   338 C C4    . DG  A 1 16 ? 5.168   -0.476  5.101   1.00 20.11 ? 17 DG  A C4    1 
ATOM   339 P P     . DT  A 1 17 ? 11.284  -0.331  8.339   1.00 33.12 ? 18 DT  A P     1 
ATOM   340 O OP1   . DT  A 1 17 ? 11.353  -1.815  8.364   1.00 31.59 ? 18 DT  A OP1   1 
ATOM   341 O OP2   . DT  A 1 17 ? 11.164  0.466   9.585   1.00 32.85 ? 18 DT  A OP2   1 
ATOM   342 O "O5'" . DT  A 1 17 ? 12.558  0.217   7.534   1.00 33.81 ? 18 DT  A "O5'" 1 
ATOM   343 C "C5'" . DT  A 1 17 ? 12.831  1.613   7.483   1.00 36.72 ? 18 DT  A "C5'" 1 
ATOM   344 C "C4'" . DT  A 1 17 ? 14.079  1.877   6.659   1.00 38.88 ? 18 DT  A "C4'" 1 
ATOM   345 O "O4'" . DT  A 1 17 ? 13.896  1.396   5.303   1.00 39.37 ? 18 DT  A "O4'" 1 
ATOM   346 C "C3'" . DT  A 1 17 ? 14.378  3.353   6.462   1.00 39.42 ? 18 DT  A "C3'" 1 
ATOM   347 O "O3'" . DT  A 1 17 ? 15.029  3.958   7.623   1.00 40.84 ? 18 DT  A "O3'" 1 
ATOM   348 C "C2'" . DT  A 1 17 ? 15.170  3.405   5.159   1.00 39.59 ? 18 DT  A "C2'" 1 
ATOM   349 C "C1'" . DT  A 1 17 ? 14.774  2.108   4.448   1.00 39.21 ? 18 DT  A "C1'" 1 
ATOM   350 N N1    . DT  A 1 17 ? 14.134  2.301   3.093   1.00 39.01 ? 18 DT  A N1    1 
ATOM   351 C C2    . DT  A 1 17 ? 14.724  1.736   1.979   1.00 38.90 ? 18 DT  A C2    1 
ATOM   352 O O2    . DT  A 1 17 ? 15.744  1.068   2.015   1.00 39.39 ? 18 DT  A O2    1 
ATOM   353 N N3    . DT  A 1 17 ? 14.061  1.969   0.798   1.00 38.35 ? 18 DT  A N3    1 
ATOM   354 C C4    . DT  A 1 17 ? 12.898  2.698   0.613   1.00 37.71 ? 18 DT  A C4    1 
ATOM   355 O O4    . DT  A 1 17 ? 12.390  2.850   -0.495  1.00 36.67 ? 18 DT  A O4    1 
ATOM   356 C C5    . DT  A 1 17 ? 12.336  3.268   1.812   1.00 37.72 ? 18 DT  A C5    1 
ATOM   357 C C7    . DT  A 1 17 ? 11.073  4.080   1.750   1.00 36.45 ? 18 DT  A C7    1 
ATOM   358 C C6    . DT  A 1 17 ? 12.972  3.044   2.974   1.00 38.65 ? 18 DT  A C6    1 
ATOM   359 P P     . DT  A 1 18 ? 16.496  3.687   8.249   1.00 39.36 ? 19 DT  A P     1 
ATOM   360 O OP1   . DT  A 1 18 ? 17.163  2.559   7.561   1.00 39.80 ? 19 DT  A OP1   1 
ATOM   361 O OP2   . DT  A 1 18 ? 16.312  3.653   9.720   1.00 38.54 ? 19 DT  A OP2   1 
ATOM   362 O "O5'" . DT  A 1 18 ? 17.249  5.046   7.876   1.00 37.72 ? 19 DT  A "O5'" 1 
ATOM   363 C "C5'" . DT  A 1 18 ? 16.973  6.233   8.608   1.00 35.10 ? 19 DT  A "C5'" 1 
ATOM   364 C "C4'" . DT  A 1 18 ? 17.008  7.450   7.705   1.00 32.85 ? 19 DT  A "C4'" 1 
ATOM   365 O "O4'" . DT  A 1 18 ? 18.124  7.369   6.779   1.00 31.10 ? 19 DT  A "O4'" 1 
ATOM   366 C "C3'" . DT  A 1 18 ? 15.809  7.567   6.787   1.00 31.77 ? 19 DT  A "C3'" 1 
ATOM   367 O "O3'" . DT  A 1 18 ? 14.693  8.090   7.511   1.00 32.38 ? 19 DT  A "O3'" 1 
ATOM   368 C "C2'" . DT  A 1 18 ? 16.348  8.535   5.735   1.00 30.60 ? 19 DT  A "C2'" 1 
ATOM   369 C "C1'" . DT  A 1 18 ? 17.776  8.016   5.566   1.00 28.61 ? 19 DT  A "C1'" 1 
ATOM   370 N N1    . DT  A 1 18 ? 17.952  7.052   4.426   1.00 25.52 ? 19 DT  A N1    1 
ATOM   371 C C2    . DT  A 1 18 ? 17.975  7.548   3.138   1.00 24.52 ? 19 DT  A C2    1 
ATOM   372 O O2    . DT  A 1 18 ? 17.863  8.737   2.876   1.00 24.52 ? 19 DT  A O2    1 
ATOM   373 N N3    . DT  A 1 18 ? 18.149  6.603   2.153   1.00 23.11 ? 19 DT  A N3    1 
ATOM   374 C C4    . DT  A 1 18 ? 18.285  5.239   2.331   1.00 24.09 ? 19 DT  A C4    1 
ATOM   375 O O4    . DT  A 1 18 ? 18.426  4.477   1.374   1.00 25.45 ? 19 DT  A O4    1 
ATOM   376 C C5    . DT  A 1 18 ? 18.254  4.778   3.701   1.00 23.67 ? 19 DT  A C5    1 
ATOM   377 C C7    . DT  A 1 18 ? 18.405  3.316   4.014   1.00 24.07 ? 19 DT  A C7    1 
ATOM   378 C C6    . DT  A 1 18 ? 18.089  5.693   4.669   1.00 24.50 ? 19 DT  A C6    1 
ATOM   379 P P     . DA  A 1 19 ? 13.204  7.627   7.126   1.00 30.95 ? 20 DA  A P     1 
ATOM   380 O OP1   . DA  A 1 19 ? 12.270  8.411   7.963   1.00 31.23 ? 20 DA  A OP1   1 
ATOM   381 O OP2   . DA  A 1 19 ? 13.142  6.151   7.106   1.00 29.78 ? 20 DA  A OP2   1 
ATOM   382 O "O5'" . DA  A 1 19 ? 13.097  8.121   5.615   1.00 29.69 ? 20 DA  A "O5'" 1 
ATOM   383 C "C5'" . DA  A 1 19 ? 12.873  9.491   5.327   1.00 30.28 ? 20 DA  A "C5'" 1 
ATOM   384 C "C4'" . DA  A 1 19 ? 12.195  9.566   3.978   1.00 30.49 ? 20 DA  A "C4'" 1 
ATOM   385 O "O4'" . DA  A 1 19 ? 13.067  8.990   2.979   1.00 30.99 ? 20 DA  A "O4'" 1 
ATOM   386 C "C3'" . DA  A 1 19 ? 10.889  8.774   3.891   1.00 30.55 ? 20 DA  A "C3'" 1 
ATOM   387 O "O3'" . DA  A 1 19 ? 9.964   9.466   3.080   1.00 29.99 ? 20 DA  A "O3'" 1 
ATOM   388 C "C2'" . DA  A 1 19 ? 11.293  7.463   3.221   1.00 31.00 ? 20 DA  A "C2'" 1 
ATOM   389 C "C1'" . DA  A 1 19 ? 12.402  7.948   2.294   1.00 31.58 ? 20 DA  A "C1'" 1 
ATOM   390 N N9    . DA  A 1 19 ? 13.401  6.950   1.937   1.00 32.20 ? 20 DA  A N9    1 
ATOM   391 C C8    . DA  A 1 19 ? 14.266  6.307   2.777   1.00 33.07 ? 20 DA  A C8    1 
ATOM   392 N N7    . DA  A 1 19 ? 15.070  5.466   2.164   1.00 33.91 ? 20 DA  A N7    1 
ATOM   393 C C5    . DA  A 1 19 ? 14.709  5.570   0.831   1.00 33.32 ? 20 DA  A C5    1 
ATOM   394 C C6    . DA  A 1 19 ? 15.178  4.933   -0.339  1.00 33.96 ? 20 DA  A C6    1 
ATOM   395 N N6    . DA  A 1 19 ? 16.157  4.029   -0.328  1.00 33.61 ? 20 DA  A N6    1 
ATOM   396 N N1    . DA  A 1 19 ? 14.595  5.257   -1.523  1.00 34.13 ? 20 DA  A N1    1 
ATOM   397 C C2    . DA  A 1 19 ? 13.606  6.166   -1.525  1.00 34.04 ? 20 DA  A C2    1 
ATOM   398 N N3    . DA  A 1 19 ? 13.081  6.830   -0.488  1.00 33.29 ? 20 DA  A N3    1 
ATOM   399 C C4    . DA  A 1 19 ? 13.679  6.483   0.672   1.00 33.02 ? 20 DA  A C4    1 
ATOM   400 P P     . DG  A 1 20 ? 9.131   10.718  3.631   1.00 30.28 ? 21 DG  A P     1 
ATOM   401 O OP1   . DG  A 1 20 ? 8.642   11.444  2.436   1.00 29.36 ? 21 DG  A OP1   1 
ATOM   402 O OP2   . DG  A 1 20 ? 9.895   11.409  4.698   1.00 30.65 ? 21 DG  A OP2   1 
ATOM   403 O "O5'" . DG  A 1 20 ? 7.907   10.064  4.413   1.00 29.12 ? 21 DG  A "O5'" 1 
ATOM   404 C "C5'" . DG  A 1 20 ? 7.267   8.908   3.945   1.00 26.33 ? 21 DG  A "C5'" 1 
ATOM   405 C "C4'" . DG  A 1 20 ? 5.961   8.817   4.694   1.00 23.87 ? 21 DG  A "C4'" 1 
ATOM   406 O "O4'" . DG  A 1 20 ? 4.945   8.385   3.767   1.00 22.33 ? 21 DG  A "O4'" 1 
ATOM   407 C "C3'" . DG  A 1 20 ? 5.967   7.827   5.848   1.00 23.36 ? 21 DG  A "C3'" 1 
ATOM   408 O "O3'" . DG  A 1 20 ? 5.329   8.450   6.957   1.00 23.86 ? 21 DG  A "O3'" 1 
ATOM   409 C "C2'" . DG  A 1 20 ? 5.183   6.637   5.299   1.00 21.40 ? 21 DG  A "C2'" 1 
ATOM   410 C "C1'" . DG  A 1 20 ? 4.233   7.320   4.325   1.00 20.06 ? 21 DG  A "C1'" 1 
ATOM   411 N N9    . DG  A 1 20 ? 3.822   6.469   3.220   1.00 17.90 ? 21 DG  A N9    1 
ATOM   412 C C8    . DG  A 1 20 ? 4.625   5.798   2.332   1.00 15.99 ? 21 DG  A C8    1 
ATOM   413 N N7    . DG  A 1 20 ? 3.955   5.101   1.456   1.00 15.04 ? 21 DG  A N7    1 
ATOM   414 C C5    . DG  A 1 20 ? 2.625   5.337   1.803   1.00 15.33 ? 21 DG  A C5    1 
ATOM   415 C C6    . DG  A 1 20 ? 1.434   4.857   1.216   1.00 14.49 ? 21 DG  A C6    1 
ATOM   416 O O6    . DG  A 1 20 ? 1.368   4.098   0.243   1.00 15.48 ? 21 DG  A O6    1 
ATOM   417 N N1    . DG  A 1 20 ? 0.272   5.308   1.853   1.00 13.00 ? 21 DG  A N1    1 
ATOM   418 C C2    . DG  A 1 20 ? 0.284   6.165   2.944   1.00 14.75 ? 21 DG  A C2    1 
ATOM   419 N N2    . DG  A 1 20 ? -0.903  6.546   3.462   1.00 12.26 ? 21 DG  A N2    1 
ATOM   420 N N3    . DG  A 1 20 ? 1.408   6.623   3.504   1.00 14.86 ? 21 DG  A N3    1 
ATOM   421 C C4    . DG  A 1 20 ? 2.525   6.169   2.887   1.00 15.47 ? 21 DG  A C4    1 
ATOM   422 P P     . DG  A 1 21 ? 5.177   7.694   8.351   1.00 25.37 ? 22 DG  A P     1 
ATOM   423 O OP1   . DG  A 1 21 ? 5.277   8.713   9.413   1.00 25.68 ? 22 DG  A OP1   1 
ATOM   424 O OP2   . DG  A 1 21 ? 6.041   6.489   8.349   1.00 24.94 ? 22 DG  A OP2   1 
ATOM   425 O "O5'" . DG  A 1 21 ? 3.670   7.187   8.312   1.00 24.44 ? 22 DG  A "O5'" 1 
ATOM   426 C "C5'" . DG  A 1 21 ? 2.645   8.143   8.186   1.00 24.49 ? 22 DG  A "C5'" 1 
ATOM   427 C "C4'" . DG  A 1 21 ? 1.320   7.488   8.514   1.00 24.05 ? 22 DG  A "C4'" 1 
ATOM   428 O "O4'" . DG  A 1 21 ? 0.872   6.767   7.350   1.00 23.18 ? 22 DG  A "O4'" 1 
ATOM   429 C "C3'" . DG  A 1 21 ? 1.330   6.472   9.655   1.00 24.54 ? 22 DG  A "C3'" 1 
ATOM   430 O "O3'" . DG  A 1 21 ? 0.114   6.661   10.331  1.00 26.78 ? 22 DG  A "O3'" 1 
ATOM   431 C "C2'" . DG  A 1 21 ? 1.380   5.125   8.942   1.00 23.21 ? 22 DG  A "C2'" 1 
ATOM   432 C "C1'" . DG  A 1 21 ? 0.567   5.435   7.691   1.00 21.74 ? 22 DG  A "C1'" 1 
ATOM   433 N N9    . DG  A 1 21 ? 0.867   4.609   6.529   1.00 19.80 ? 22 DG  A N9    1 
ATOM   434 C C8    . DG  A 1 21 ? 2.108   4.282   6.031   1.00 18.93 ? 22 DG  A C8    1 
ATOM   435 N N7    . DG  A 1 21 ? 2.043   3.527   4.973   1.00 19.36 ? 22 DG  A N7    1 
ATOM   436 C C5    . DG  A 1 21 ? 0.672   3.350   4.757   1.00 18.17 ? 22 DG  A C5    1 
ATOM   437 C C6    . DG  A 1 21 ? -0.027  2.634   3.757   1.00 17.95 ? 22 DG  A C6    1 
ATOM   438 O O6    . DG  A 1 21 ? 0.432   1.974   2.807   1.00 18.40 ? 22 DG  A O6    1 
ATOM   439 N N1    . DG  A 1 21 ? -1.410  2.708   3.892   1.00 17.49 ? 22 DG  A N1    1 
ATOM   440 C C2    . DG  A 1 21 ? -2.049  3.401   4.881   1.00 17.59 ? 22 DG  A C2    1 
ATOM   441 N N2    . DG  A 1 21 ? -3.388  3.360   4.861   1.00 17.49 ? 22 DG  A N2    1 
ATOM   442 N N3    . DG  A 1 21 ? -1.413  4.086   5.819   1.00 18.65 ? 22 DG  A N3    1 
ATOM   443 C C4    . DG  A 1 21 ? -0.061  4.016   5.701   1.00 18.78 ? 22 DG  A C4    1 
ATOM   444 P P     . DG  A 1 22 ? -0.305  5.901   11.666  1.00 28.37 ? 23 DG  A P     1 
ATOM   445 O OP1   . DG  A 1 22 ? -0.885  6.945   12.537  1.00 28.55 ? 23 DG  A OP1   1 
ATOM   446 O OP2   . DG  A 1 22 ? 0.774   5.010   12.144  1.00 26.57 ? 23 DG  A OP2   1 
ATOM   447 O "O5'" . DG  A 1 22 ? -1.485  4.966   11.130  1.00 28.00 ? 23 DG  A "O5'" 1 
ATOM   448 C "C5'" . DG  A 1 22 ? -2.716  5.495   10.634  1.00 27.41 ? 23 DG  A "C5'" 1 
ATOM   449 C "C4'" . DG  A 1 22 ? -3.686  4.343   10.424  1.00 27.09 ? 23 DG  A "C4'" 1 
ATOM   450 O "O4'" . DG  A 1 22 ? -3.323  3.597   9.230   1.00 26.06 ? 23 DG  A "O4'" 1 
ATOM   451 C "C3'" . DG  A 1 22 ? -3.697  3.298   11.539  1.00 28.06 ? 23 DG  A "C3'" 1 
ATOM   452 O "O3'" . DG  A 1 22 ? -5.000  2.733   11.625  1.00 30.52 ? 23 DG  A "O3'" 1 
ATOM   453 C "C2'" . DG  A 1 22 ? -2.693  2.255   11.043  1.00 27.19 ? 23 DG  A "C2'" 1 
ATOM   454 C "C1'" . DG  A 1 22 ? -3.090  2.239   9.569   1.00 25.51 ? 23 DG  A "C1'" 1 
ATOM   455 N N9    . DG  A 1 22 ? -2.131  1.677   8.615   1.00 23.37 ? 23 DG  A N9    1 
ATOM   456 C C8    . DG  A 1 22 ? -0.754  1.772   8.616   1.00 22.34 ? 23 DG  A C8    1 
ATOM   457 N N7    . DG  A 1 22 ? -0.193  1.168   7.601   1.00 21.17 ? 23 DG  A N7    1 
ATOM   458 C C5    . DG  A 1 22 ? -1.260  0.648   6.879   1.00 20.19 ? 23 DG  A C5    1 
ATOM   459 C C6    . DG  A 1 22 ? -1.282  -0.104  5.684   1.00 19.01 ? 23 DG  A C6    1 
ATOM   460 O O6    . DG  A 1 22 ? -0.327  -0.475  4.990   1.00 17.88 ? 23 DG  A O6    1 
ATOM   461 N N1    . DG  A 1 22 ? -2.572  -0.432  5.282   1.00 18.29 ? 23 DG  A N1    1 
ATOM   462 C C2    . DG  A 1 22 ? -3.713  -0.080  5.961   1.00 19.30 ? 23 DG  A C2    1 
ATOM   463 N N2    . DG  A 1 22 ? -4.876  -0.488  5.427   1.00 20.08 ? 23 DG  A N2    1 
ATOM   464 N N3    . DG  A 1 22 ? -3.714  0.625   7.085   1.00 19.94 ? 23 DG  A N3    1 
ATOM   465 C C4    . DG  A 1 22 ? -2.458  0.954   7.487   1.00 21.41 ? 23 DG  A C4    1 
HETATM 466 K K     . K   B 2 .  ? -0.111  -0.811  2.149   1.00 23.20 ? 1  K   A K     1 
HETATM 467 K K     . K   C 2 .  ? -0.313  1.957   0.048   1.00 22.08 ? 24 K   A K     1 
HETATM 468 C C1    . BER D 3 .  ? -1.858  -6.833  3.263   1.00 21.81 ? 25 BER A C1    1 
HETATM 469 C C2    . BER D 3 .  ? -3.059  -6.272  3.973   1.00 21.74 ? 25 BER A C2    1 
HETATM 470 N N1    . BER D 3 .  ? -2.008  -7.949  2.382   1.00 21.94 ? 25 BER A N1    1 
HETATM 471 C C3    . BER D 3 .  ? -0.569  -6.303  3.484   1.00 21.35 ? 25 BER A C3    1 
HETATM 472 C C4    . BER D 3 .  ? -4.388  -6.921  3.695   1.00 22.29 ? 25 BER A C4    1 
HETATM 473 C C5    . BER D 3 .  ? -2.962  -5.193  4.857   1.00 21.83 ? 25 BER A C5    1 
HETATM 474 C C6    . BER D 3 .  ? -0.959  -8.500  1.745   1.00 21.85 ? 25 BER A C6    1 
HETATM 475 C C7    . BER D 3 .  ? -3.282  -8.605  2.078   1.00 22.44 ? 25 BER A C7    1 
HETATM 476 C C8    . BER D 3 .  ? 0.545   -6.855  2.829   1.00 21.45 ? 25 BER A C8    1 
HETATM 477 C C9    . BER D 3 .  ? -5.554  -6.496  4.331   1.00 21.55 ? 25 BER A C9    1 
HETATM 478 C C10   . BER D 3 .  ? -4.545  -8.098  2.764   1.00 22.70 ? 25 BER A C10   1 
HETATM 479 C C11   . BER D 3 .  ? -4.149  -4.787  5.460   1.00 22.51 ? 25 BER A C11   1 
HETATM 480 C C12   . BER D 3 .  ? 0.328   -8.007  1.924   1.00 21.81 ? 25 BER A C12   1 
HETATM 481 C C13   . BER D 3 .  ? 1.848   -6.363  3.001   1.00 21.54 ? 25 BER A C13   1 
HETATM 482 C C14   . BER D 3 .  ? -5.428  -5.433  5.197   1.00 22.00 ? 25 BER A C14   1 
HETATM 483 O O1    . BER D 3 .  ? -4.375  -3.785  6.356   1.00 24.06 ? 25 BER A O1    1 
HETATM 484 C C15   . BER D 3 .  ? 1.498   -8.604  1.229   1.00 23.12 ? 25 BER A C15   1 
HETATM 485 C C16   . BER D 3 .  ? 2.951   -6.929  2.346   1.00 22.00 ? 25 BER A C16   1 
HETATM 486 O O2    . BER D 3 .  ? -6.381  -4.805  5.930   1.00 22.77 ? 25 BER A O2    1 
HETATM 487 C C17   . BER D 3 .  ? -5.776  -3.748  6.700   1.00 24.33 ? 25 BER A C17   1 
HETATM 488 C C18   . BER D 3 .  ? 2.837   -8.019  1.471   1.00 23.03 ? 25 BER A C18   1 
HETATM 489 O O3    . BER D 3 .  ? 1.355   -9.674  0.387   1.00 25.27 ? 25 BER A O3    1 
HETATM 490 O O4    . BER D 3 .  ? 3.922   -8.573  0.820   1.00 24.64 ? 25 BER A O4    1 
HETATM 491 C C19   . BER D 3 .  ? 1.811   -10.983 0.744   1.00 26.81 ? 25 BER A C19   1 
HETATM 492 C C20   . BER D 3 .  ? 5.244   -8.109  1.122   1.00 24.71 ? 25 BER A C20   1 
HETATM 493 C C1    . BER E 3 .  ? 2.333   -2.818  7.937   1.00 27.80 ? 26 BER A C1    1 
HETATM 494 C C2    . BER E 3 .  ? 3.567   -3.288  7.297   1.00 27.54 ? 26 BER A C2    1 
HETATM 495 N N1    . BER E 3 .  ? 2.363   -2.021  9.112   1.00 27.81 ? 26 BER A N1    1 
HETATM 496 C C3    . BER E 3 .  ? 1.153   -3.196  7.322   1.00 27.43 ? 26 BER A C3    1 
HETATM 497 C C4    . BER E 3 .  ? 4.893   -2.945  7.880   1.00 28.02 ? 26 BER A C4    1 
HETATM 498 C C5    . BER E 3 .  ? 3.457   -3.993  6.091   1.00 26.88 ? 26 BER A C5    1 
HETATM 499 C C6    . BER E 3 .  ? 1.205   -1.605  9.672   1.00 27.86 ? 26 BER A C6    1 
HETATM 500 C C7    . BER E 3 .  ? 3.635   -1.622  9.747   1.00 28.08 ? 26 BER A C7    1 
HETATM 501 C C8    . BER E 3 .  ? -0.034  -2.784  7.871   1.00 27.79 ? 26 BER A C8    1 
HETATM 502 C C9    . BER E 3 .  ? 6.068   -3.406  7.258   1.00 27.66 ? 26 BER A C9    1 
HETATM 503 C C10   . BER E 3 .  ? 4.961   -2.178  9.188   1.00 28.11 ? 26 BER A C10   1 
HETATM 504 C C11   . BER E 3 .  ? 4.623   -4.418  5.488   1.00 27.07 ? 26 BER A C11   1 
HETATM 505 C C12   . BER E 3 .  ? -0.023  -1.950  9.102   1.00 28.04 ? 26 BER A C12   1 
HETATM 506 C C13   . BER E 3 .  ? -1.206  -3.168  7.251   1.00 28.36 ? 26 BER A C13   1 
HETATM 507 C C14   . BER E 3 .  ? 5.928   -4.127  6.071   1.00 27.14 ? 26 BER A C14   1 
HETATM 508 O O1    . BER E 3 .  ? 4.803   -5.125  4.329   1.00 27.08 ? 26 BER A O1    1 
HETATM 509 C C15   . BER E 3 .  ? -1.344  -1.544  9.656   1.00 29.94 ? 26 BER A C15   1 
HETATM 510 C C16   . BER E 3 .  ? -2.425  -2.786  7.767   1.00 29.04 ? 26 BER A C16   1 
HETATM 511 O O2    . BER E 3 .  ? 6.870   -4.672  5.244   1.00 27.57 ? 26 BER A O2    1 
HETATM 512 C C17   . BER E 3 .  ? 6.222   -5.280  4.100   1.00 27.36 ? 26 BER A C17   1 
HETATM 513 C C18   . BER E 3 .  ? -2.551  -2.016  8.909   1.00 30.28 ? 26 BER A C18   1 
HETATM 514 O O3    . BER E 3 .  ? -1.450  -0.771  10.789  1.00 32.21 ? 26 BER A O3    1 
HETATM 515 O O4    . BER E 3 .  ? -3.850  -1.743  9.237   1.00 32.19 ? 26 BER A O4    1 
HETATM 516 C C19   . BER E 3 .  ? -0.989  -1.185  12.081  1.00 33.46 ? 26 BER A C19   1 
HETATM 517 C C20   . BER E 3 .  ? -4.272  -1.175  10.474  1.00 32.45 ? 26 BER A C20   1 
HETATM 518 C C1    . BER F 3 .  ? 2.960   6.488   -2.344  0.50 16.16 ? 27 BER A C1    1 
HETATM 519 C C2    . BER F 3 .  ? 2.715   7.392   -1.170  0.50 16.35 ? 27 BER A C2    1 
HETATM 520 N N1    . BER F 3 .  ? 4.285   6.230   -2.791  0.50 16.18 ? 27 BER A N1    1 
HETATM 521 C C3    . BER F 3 .  ? 1.883   5.856   -2.990  0.50 16.25 ? 27 BER A C3    1 
HETATM 522 C C4    . BER F 3 .  ? 3.885   8.031   -0.497  0.50 16.60 ? 27 BER A C4    1 
HETATM 523 C C5    . BER F 3 .  ? 1.415   7.603   -0.714  0.50 16.81 ? 27 BER A C5    1 
HETATM 524 C C6    . BER F 3 .  ? 4.514   5.403   -3.832  0.50 16.12 ? 27 BER A C6    1 
HETATM 525 C C7    . BER F 3 .  ? 5.480   6.839   -2.170  0.50 16.22 ? 27 BER A C7    1 
HETATM 526 C C8    . BER F 3 .  ? 2.093   4.994   -4.073  0.50 15.95 ? 27 BER A C8    1 
HETATM 527 C C9    . BER F 3 .  ? 3.693   8.851   0.615   0.50 16.72 ? 27 BER A C9    1 
HETATM 528 C C10   . BER F 3 .  ? 5.302   7.784   -0.976  0.50 16.20 ? 27 BER A C10   1 
HETATM 529 C C11   . BER F 3 .  ? 1.258   8.431   0.382   0.50 16.85 ? 27 BER A C11   1 
HETATM 530 C C12   . BER F 3 .  ? 3.485   4.759   -4.509  0.50 15.92 ? 27 BER A C12   1 
HETATM 531 C C13   . BER F 3 .  ? 1.052   4.350   -4.757  0.50 14.89 ? 27 BER A C13   1 
HETATM 532 C C14   . BER F 3 .  ? 2.391   9.051   1.042   0.50 16.93 ? 27 BER A C14   1 
HETATM 533 O O1    . BER F 3 .  ? 0.122   8.818   1.028   0.50 17.52 ? 27 BER A O1    1 
HETATM 534 C C15   . BER F 3 .  ? 3.730   3.843   -5.655  0.50 16.14 ? 27 BER A C15   1 
HETATM 535 C C16   . BER F 3 .  ? 1.284   3.485   -5.837  0.50 15.09 ? 27 BER A C16   1 
HETATM 536 O O2    . BER F 3 .  ? 1.917   9.803   2.080   0.50 18.44 ? 27 BER A O2    1 
HETATM 537 C C17   . BER F 3 .  ? 0.476   9.670   2.144   0.50 18.05 ? 27 BER A C17   1 
HETATM 538 C C18   . BER F 3 .  ? 2.563   3.193   -6.328  0.50 15.61 ? 27 BER A C18   1 
HETATM 539 O O3    . BER F 3 .  ? 5.017   3.614   -6.059  0.50 18.01 ? 27 BER A O3    1 
HETATM 540 O O4    . BER F 3 .  ? 2.715   2.324   -7.406  0.50 15.09 ? 27 BER A O4    1 
HETATM 541 C C19   . BER F 3 .  ? 6.097   4.076   -5.249  0.50 18.65 ? 27 BER A C19   1 
HETATM 542 C C20   . BER F 3 .  ? 1.543   1.759   -7.996  0.50 14.04 ? 27 BER A C20   1 
HETATM 543 C C1    . BER G 3 .  ? -4.430  4.923   -3.558  0.50 23.41 ? 28 BER A C1    1 
HETATM 544 C C2    . BER G 3 .  ? -4.505  5.870   -2.422  0.50 22.97 ? 28 BER A C2    1 
HETATM 545 N N1    . BER G 3 .  ? -5.607  4.364   -4.130  0.50 23.55 ? 28 BER A N1    1 
HETATM 546 C C3    . BER G 3 .  ? -3.166  4.594   -4.037  0.50 23.70 ? 28 BER A C3    1 
HETATM 547 C C4    . BER G 3 .  ? -5.839  6.252   -1.879  0.50 22.30 ? 28 BER A C4    1 
HETATM 548 C C5    . BER G 3 .  ? -3.323  6.382   -1.872  0.50 22.40 ? 28 BER A C5    1 
HETATM 549 C C6    . BER G 3 .  ? -5.513  3.497   -5.156  0.50 23.69 ? 28 BER A C6    1 
HETATM 550 C C7    . BER G 3 .  ? -6.964  4.689   -3.648  0.50 23.26 ? 28 BER A C7    1 
HETATM 551 C C8    . BER G 3 .  ? -3.045  3.708   -5.096  0.50 24.21 ? 28 BER A C8    1 
HETATM 552 C C9    . BER G 3 .  ? -5.932  7.143   -0.800  0.50 21.67 ? 28 BER A C9    1 
HETATM 553 C C10   . BER G 3 .  ? -7.110  5.686   -2.487  0.50 22.99 ? 28 BER A C10   1 
HETATM 554 C C11   . BER G 3 .  ? -3.447  7.261   -0.807  0.50 21.91 ? 28 BER A C11   1 
HETATM 555 C C12   . BER G 3 .  ? -4.279  3.134   -5.680  0.50 23.93 ? 28 BER A C12   1 
HETATM 556 C C13   . BER G 3 .  ? -1.798  3.358   -5.600  0.50 24.31 ? 28 BER A C13   1 
HETATM 557 C C14   . BER G 3 .  ? -4.749  7.638   -0.270  0.50 21.60 ? 28 BER A C14   1 
HETATM 558 O O1    . BER G 3 .  ? -2.483  7.910   -0.084  0.50 21.83 ? 28 BER A O1    1 
HETATM 559 C C15   . BER G 3 .  ? -4.134  2.186   -6.816  0.50 24.65 ? 28 BER A C15   1 
HETATM 560 C C16   . BER G 3 .  ? -1.666  2.471   -6.667  0.50 24.67 ? 28 BER A C16   1 
HETATM 561 O O2    . BER G 3 .  ? -4.538  8.505   0.767   0.50 21.59 ? 28 BER A O2    1 
HETATM 562 C C17   . BER G 3 .  ? -3.114  8.691   0.966   0.50 20.88 ? 28 BER A C17   1 
HETATM 563 C C18   . BER G 3 .  ? -2.764  1.877   -7.281  0.50 24.60 ? 28 BER A C18   1 
HETATM 564 O O3    . BER G 3 .  ? -5.222  1.613   -7.425  0.50 26.12 ? 28 BER A O3    1 
HETATM 565 O O4    . BER G 3 .  ? -2.565  1.014   -8.322  0.50 25.49 ? 28 BER A O4    1 
HETATM 566 C C19   . BER G 3 .  ? -6.364  2.406   -7.776  0.50 25.60 ? 28 BER A C19   1 
HETATM 567 C C20   . BER G 3 .  ? -3.243  -0.239  -8.393  0.50 25.79 ? 28 BER A C20   1 
HETATM 568 O O     . HOH H 4 .  ? 1.970   -4.037  -5.471  1.00 31.53 ? 29 HOH A O     1 
HETATM 569 O O     . HOH H 4 .  ? -20.631 1.039   -6.605  0.50 47.14 ? 30 HOH A O     1 
HETATM 570 O O     . HOH H 4 .  ? -8.276  -0.917  -0.937  1.00 28.34 ? 31 HOH A O     1 
HETATM 571 O O     . HOH H 4 .  ? -9.079  0.425   -4.200  1.00 29.59 ? 32 HOH A O     1 
HETATM 572 O O     . HOH H 4 .  ? 1.228   2.583   11.504  1.00 35.36 ? 33 HOH A O     1 
HETATM 573 O O     . HOH H 4 .  ? 5.759   -7.075  -7.868  1.00 31.47 ? 34 HOH A O     1 
HETATM 574 O O     . HOH H 4 .  ? 9.078   -3.407  2.830   1.00 37.73 ? 35 HOH A O     1 
HETATM 575 O O     . HOH H 4 .  ? -8.702  -2.848  5.480   1.00 34.45 ? 36 HOH A O     1 
HETATM 576 O O     . HOH H 4 .  ? -2.636  -8.733  -10.263 1.00 31.20 ? 37 HOH A O     1 
HETATM 577 O O     . HOH H 4 .  ? 0.189   -3.301  4.260   1.00 41.24 ? 38 HOH A O     1 
HETATM 578 O O     . HOH H 4 .  ? 11.332  4.402   5.516   1.00 35.43 ? 39 HOH A O     1 
HETATM 579 O O     . HOH H 4 .  ? 7.823   3.493   1.804   0.50 5.08  ? 40 HOH A O     1 
HETATM 580 O O     . HOH H 4 .  ? -7.117  -3.256  -1.647  1.00 24.63 ? 41 HOH A O     1 
HETATM 581 O O     . HOH H 4 .  ? 10.405  8.215   -0.939  0.50 30.28 ? 42 HOH A O     1 
HETATM 582 O O     . HOH H 4 .  ? 7.179   -3.617  -2.452  1.00 30.17 ? 43 HOH A O     1 
HETATM 583 O O     . HOH H 4 .  ? -7.573  -0.699  6.987   1.00 24.06 ? 44 HOH A O     1 
HETATM 584 O O     . HOH H 4 .  ? 3.534   2.362   9.592   1.00 32.83 ? 45 HOH A O     1 
HETATM 585 O O     . HOH H 4 .  ? -4.305  -9.801  -5.186  1.00 36.52 ? 46 HOH A O     1 
HETATM 586 O O     . HOH H 4 .  ? 7.720   -4.822  0.443   1.00 20.78 ? 47 HOH A O     1 
HETATM 587 O O     . HOH H 4 .  ? -5.808  3.571   7.141   1.00 36.68 ? 48 HOH A O     1 
HETATM 588 O O     . HOH H 4 .  ? 13.022  4.913   9.555   1.00 31.69 ? 49 HOH A O     1 
HETATM 589 O O     . HOH H 4 .  ? -1.846  9.213   11.156  1.00 49.16 ? 50 HOH A O     1 
HETATM 590 O O     . HOH H 4 .  ? -17.046 1.351   -6.681  0.50 2.39  ? 51 HOH A O     1 
HETATM 591 O O     . HOH H 4 .  ? -23.722 -0.747  -8.176  1.00 34.15 ? 52 HOH A O     1 
HETATM 592 O O     . HOH H 4 .  ? -19.106 2.662   -3.775  0.50 15.42 ? 53 HOH A O     1 
HETATM 593 O O     . HOH H 4 .  ? 7.872   4.334   -0.352  0.50 2.00  ? 54 HOH A O     1 
HETATM 594 O O     . HOH H 4 .  ? -6.312  -8.309  -0.186  1.00 22.92 ? 55 HOH A O     1 
HETATM 595 O O     . HOH H 4 .  ? 9.188   -9.918  -7.759  1.00 35.89 ? 56 HOH A O     1 
HETATM 596 O O     . HOH H 4 .  ? 1.980   -12.068 -6.702  1.00 31.83 ? 57 HOH A O     1 
# 
loop_
_pdbx_poly_seq_scheme.asym_id 
_pdbx_poly_seq_scheme.entity_id 
_pdbx_poly_seq_scheme.seq_id 
_pdbx_poly_seq_scheme.mon_id 
_pdbx_poly_seq_scheme.ndb_seq_num 
_pdbx_poly_seq_scheme.pdb_seq_num 
_pdbx_poly_seq_scheme.auth_seq_num 
_pdbx_poly_seq_scheme.pdb_mon_id 
_pdbx_poly_seq_scheme.auth_mon_id 
_pdbx_poly_seq_scheme.pdb_strand_id 
_pdbx_poly_seq_scheme.pdb_ins_code 
_pdbx_poly_seq_scheme.hetero 
A 1 1  DA 1  2  2  DA A A . n 
A 1 2  DG 2  3  3  DG G A . n 
A 1 3  DG 3  4  4  DG G A . n 
A 1 4  DG 4  5  5  DG G A . n 
A 1 5  DT 5  6  6  DT T A . n 
A 1 6  DT 6  7  7  DT T A . n 
A 1 7  DA 7  8  8  DA A A . n 
A 1 8  DG 8  9  9  DG G A . n 
A 1 9  DG 9  10 10 DG G A . n 
A 1 10 DG 10 11 11 DG G A . n 
A 1 11 DT 11 12 12 DT T A . n 
A 1 12 DT 12 13 13 DT T A . n 
A 1 13 DA 13 14 14 DA A A . n 
A 1 14 DG 14 15 15 DG G A . n 
A 1 15 DG 15 16 16 DG G A . n 
A 1 16 DG 16 17 17 DG G A . n 
A 1 17 DT 17 18 18 DT T A . n 
A 1 18 DT 18 19 19 DT T A . n 
A 1 19 DA 19 20 20 DA A A . n 
A 1 20 DG 20 21 21 DG G A . n 
A 1 21 DG 21 22 22 DG G A . n 
A 1 22 DG 22 23 23 DG G A . n 
# 
loop_
_pdbx_nonpoly_scheme.asym_id 
_pdbx_nonpoly_scheme.entity_id 
_pdbx_nonpoly_scheme.mon_id 
_pdbx_nonpoly_scheme.ndb_seq_num 
_pdbx_nonpoly_scheme.pdb_seq_num 
_pdbx_nonpoly_scheme.auth_seq_num 
_pdbx_nonpoly_scheme.pdb_mon_id 
_pdbx_nonpoly_scheme.auth_mon_id 
_pdbx_nonpoly_scheme.pdb_strand_id 
_pdbx_nonpoly_scheme.pdb_ins_code 
B 2 K   1  1  1  K   K   A . 
C 2 K   1  24 2  K   K   A . 
D 3 BER 1  25 1  BER BER A . 
E 3 BER 1  26 1  BER BER A . 
F 3 BER 1  27 1  BER BER A . 
G 3 BER 1  28 1  BER BER A . 
H 4 HOH 1  29 29 HOH HOH A . 
H 4 HOH 2  30 1  HOH HOH A . 
H 4 HOH 3  31 2  HOH HOH A . 
H 4 HOH 4  32 3  HOH HOH A . 
H 4 HOH 5  33 4  HOH HOH A . 
H 4 HOH 6  34 5  HOH HOH A . 
H 4 HOH 7  35 6  HOH HOH A . 
H 4 HOH 8  36 7  HOH HOH A . 
H 4 HOH 9  37 8  HOH HOH A . 
H 4 HOH 10 38 9  HOH HOH A . 
H 4 HOH 11 39 10 HOH HOH A . 
H 4 HOH 12 40 11 HOH HOH A . 
H 4 HOH 13 41 12 HOH HOH A . 
H 4 HOH 14 42 13 HOH HOH A . 
H 4 HOH 15 43 14 HOH HOH A . 
H 4 HOH 16 44 15 HOH HOH A . 
H 4 HOH 17 45 16 HOH HOH A . 
H 4 HOH 18 46 17 HOH HOH A . 
H 4 HOH 19 47 18 HOH HOH A . 
H 4 HOH 20 48 19 HOH HOH A . 
H 4 HOH 21 49 20 HOH HOH A . 
H 4 HOH 22 50 21 HOH HOH A . 
H 4 HOH 23 51 22 HOH HOH A . 
H 4 HOH 24 52 23 HOH HOH A . 
H 4 HOH 25 53 24 HOH HOH A . 
H 4 HOH 26 54 25 HOH HOH A . 
H 4 HOH 27 55 26 HOH HOH A . 
H 4 HOH 28 56 27 HOH HOH A . 
H 4 HOH 29 57 28 HOH HOH A . 
# 
_struct_site_keywords.site_id   1 
_struct_site_keywords.text      INTERCALTION 
# 
_pdbx_struct_assembly.id                   1 
_pdbx_struct_assembly.details              author_and_software_defined_assembly 
_pdbx_struct_assembly.method_details       PISA 
_pdbx_struct_assembly.oligomeric_details   monomeric 
_pdbx_struct_assembly.oligomeric_count     1 
# 
_pdbx_struct_assembly_gen.assembly_id       1 
_pdbx_struct_assembly_gen.oper_expression   1 
_pdbx_struct_assembly_gen.asym_id_list      A,B,C,D,E,F,G,H 
# 
_pdbx_struct_oper_list.id                   1 
_pdbx_struct_oper_list.type                 'identity operation' 
_pdbx_struct_oper_list.name                 1_555 
_pdbx_struct_oper_list.symmetry_operation   x,y,z 
_pdbx_struct_oper_list.matrix[1][1]         1.0000000000 
_pdbx_struct_oper_list.matrix[1][2]         0.0000000000 
_pdbx_struct_oper_list.matrix[1][3]         0.0000000000 
_pdbx_struct_oper_list.vector[1]            0.0000000000 
_pdbx_struct_oper_list.matrix[2][1]         0.0000000000 
_pdbx_struct_oper_list.matrix[2][2]         1.0000000000 
_pdbx_struct_oper_list.matrix[2][3]         0.0000000000 
_pdbx_struct_oper_list.vector[2]            0.0000000000 
_pdbx_struct_oper_list.matrix[3][1]         0.0000000000 
_pdbx_struct_oper_list.matrix[3][2]         0.0000000000 
_pdbx_struct_oper_list.matrix[3][3]         1.0000000000 
_pdbx_struct_oper_list.vector[3]            0.0000000000 
# 
loop_
_pdbx_struct_special_symmetry.id 
_pdbx_struct_special_symmetry.PDB_model_num 
_pdbx_struct_special_symmetry.auth_asym_id 
_pdbx_struct_special_symmetry.auth_comp_id 
_pdbx_struct_special_symmetry.auth_seq_id 
_pdbx_struct_special_symmetry.PDB_ins_code 
_pdbx_struct_special_symmetry.label_asym_id 
_pdbx_struct_special_symmetry.label_comp_id 
_pdbx_struct_special_symmetry.label_seq_id 
1 1 A BER 27 ? F BER . 
2 1 A BER 28 ? G BER . 
3 1 A HOH 30 ? H HOH . 
4 1 A HOH 42 ? H HOH . 
# 
loop_
_pdbx_struct_conn_angle.id 
_pdbx_struct_conn_angle.ptnr1_label_atom_id 
_pdbx_struct_conn_angle.ptnr1_label_alt_id 
_pdbx_struct_conn_angle.ptnr1_label_asym_id 
_pdbx_struct_conn_angle.ptnr1_label_comp_id 
_pdbx_struct_conn_angle.ptnr1_label_seq_id 
_pdbx_struct_conn_angle.ptnr1_auth_atom_id 
_pdbx_struct_conn_angle.ptnr1_auth_asym_id 
_pdbx_struct_conn_angle.ptnr1_auth_comp_id 
_pdbx_struct_conn_angle.ptnr1_auth_seq_id 
_pdbx_struct_conn_angle.ptnr1_PDB_ins_code 
_pdbx_struct_conn_angle.ptnr1_symmetry 
_pdbx_struct_conn_angle.ptnr2_label_atom_id 
_pdbx_struct_conn_angle.ptnr2_label_alt_id 
_pdbx_struct_conn_angle.ptnr2_label_asym_id 
_pdbx_struct_conn_angle.ptnr2_label_comp_id 
_pdbx_struct_conn_angle.ptnr2_label_seq_id 
_pdbx_struct_conn_angle.ptnr2_auth_atom_id 
_pdbx_struct_conn_angle.ptnr2_auth_asym_id 
_pdbx_struct_conn_angle.ptnr2_auth_comp_id 
_pdbx_struct_conn_angle.ptnr2_auth_seq_id 
_pdbx_struct_conn_angle.ptnr2_PDB_ins_code 
_pdbx_struct_conn_angle.ptnr2_symmetry 
_pdbx_struct_conn_angle.ptnr3_label_atom_id 
_pdbx_struct_conn_angle.ptnr3_label_alt_id 
_pdbx_struct_conn_angle.ptnr3_label_asym_id 
_pdbx_struct_conn_angle.ptnr3_label_comp_id 
_pdbx_struct_conn_angle.ptnr3_label_seq_id 
_pdbx_struct_conn_angle.ptnr3_auth_atom_id 
_pdbx_struct_conn_angle.ptnr3_auth_asym_id 
_pdbx_struct_conn_angle.ptnr3_auth_comp_id 
_pdbx_struct_conn_angle.ptnr3_auth_seq_id 
_pdbx_struct_conn_angle.ptnr3_PDB_ins_code 
_pdbx_struct_conn_angle.ptnr3_symmetry 
_pdbx_struct_conn_angle.value 
_pdbx_struct_conn_angle.value_esd 
1  O6 ? A DG 3  ? A DG 4  ? 1_555 K ? B K . ? A K 1  ? 1_555 O6 ? A DG  4  ? A DG  5  ? 1_555 69.4  ? 
2  O6 ? A DG 3  ? A DG 4  ? 1_555 K ? B K . ? A K 1  ? 1_555 O6 ? A DG  9  ? A DG  10 ? 1_555 70.7  ? 
3  O6 ? A DG 4  ? A DG 5  ? 1_555 K ? B K . ? A K 1  ? 1_555 O6 ? A DG  9  ? A DG  10 ? 1_555 93.5  ? 
4  O6 ? A DG 3  ? A DG 4  ? 1_555 K ? B K . ? A K 1  ? 1_555 O6 ? A DG  10 ? A DG  11 ? 1_555 132.8 ? 
5  O6 ? A DG 4  ? A DG 5  ? 1_555 K ? B K . ? A K 1  ? 1_555 O6 ? A DG  10 ? A DG  11 ? 1_555 78.4  ? 
6  O6 ? A DG 9  ? A DG 10 ? 1_555 K ? B K . ? A K 1  ? 1_555 O6 ? A DG  10 ? A DG  11 ? 1_555 78.0  ? 
7  O6 ? A DG 3  ? A DG 4  ? 1_555 K ? B K . ? A K 1  ? 1_555 O6 ? A DG  15 ? A DG  16 ? 1_555 105.7 ? 
8  O6 ? A DG 4  ? A DG 5  ? 1_555 K ? B K . ? A K 1  ? 1_555 O6 ? A DG  15 ? A DG  16 ? 1_555 160.1 ? 
9  O6 ? A DG 9  ? A DG 10 ? 1_555 K ? B K . ? A K 1  ? 1_555 O6 ? A DG  15 ? A DG  16 ? 1_555 67.0  ? 
10 O6 ? A DG 10 ? A DG 11 ? 1_555 K ? B K . ? A K 1  ? 1_555 O6 ? A DG  15 ? A DG  16 ? 1_555 93.0  ? 
11 O6 ? A DG 3  ? A DG 4  ? 1_555 K ? B K . ? A K 1  ? 1_555 O6 ? A DG  16 ? A DG  17 ? 1_555 155.0 ? 
12 O6 ? A DG 4  ? A DG 5  ? 1_555 K ? B K . ? A K 1  ? 1_555 O6 ? A DG  16 ? A DG  17 ? 1_555 121.2 ? 
13 O6 ? A DG 9  ? A DG 10 ? 1_555 K ? B K . ? A K 1  ? 1_555 O6 ? A DG  16 ? A DG  17 ? 1_555 126.7 ? 
14 O6 ? A DG 10 ? A DG 11 ? 1_555 K ? B K . ? A K 1  ? 1_555 O6 ? A DG  16 ? A DG  17 ? 1_555 72.0  ? 
15 O6 ? A DG 15 ? A DG 16 ? 1_555 K ? B K . ? A K 1  ? 1_555 O6 ? A DG  16 ? A DG  17 ? 1_555 71.6  ? 
16 O6 ? A DG 3  ? A DG 4  ? 1_555 K ? B K . ? A K 1  ? 1_555 O6 ? A DG  21 ? A DG  22 ? 1_555 65.1  ? 
17 O6 ? A DG 4  ? A DG 5  ? 1_555 K ? B K . ? A K 1  ? 1_555 O6 ? A DG  21 ? A DG  22 ? 1_555 121.2 ? 
18 O6 ? A DG 9  ? A DG 10 ? 1_555 K ? B K . ? A K 1  ? 1_555 O6 ? A DG  21 ? A DG  22 ? 1_555 104.2 ? 
19 O6 ? A DG 10 ? A DG 11 ? 1_555 K ? B K . ? A K 1  ? 1_555 O6 ? A DG  21 ? A DG  22 ? 1_555 159.7 ? 
20 O6 ? A DG 15 ? A DG 16 ? 1_555 K ? B K . ? A K 1  ? 1_555 O6 ? A DG  21 ? A DG  22 ? 1_555 70.1  ? 
21 O6 ? A DG 16 ? A DG 17 ? 1_555 K ? B K . ? A K 1  ? 1_555 O6 ? A DG  21 ? A DG  22 ? 1_555 91.4  ? 
22 O6 ? A DG 3  ? A DG 4  ? 1_555 K ? B K . ? A K 1  ? 1_555 O6 ? A DG  22 ? A DG  23 ? 1_555 88.5  ? 
23 O6 ? A DG 4  ? A DG 5  ? 1_555 K ? B K . ? A K 1  ? 1_555 O6 ? A DG  22 ? A DG  23 ? 1_555 72.4  ? 
24 O6 ? A DG 9  ? A DG 10 ? 1_555 K ? B K . ? A K 1  ? 1_555 O6 ? A DG  22 ? A DG  23 ? 1_555 158.1 ? 
25 O6 ? A DG 10 ? A DG 11 ? 1_555 K ? B K . ? A K 1  ? 1_555 O6 ? A DG  22 ? A DG  23 ? 1_555 114.0 ? 
26 O6 ? A DG 15 ? A DG 16 ? 1_555 K ? B K . ? A K 1  ? 1_555 O6 ? A DG  22 ? A DG  23 ? 1_555 127.4 ? 
27 O6 ? A DG 16 ? A DG 17 ? 1_555 K ? B K . ? A K 1  ? 1_555 O6 ? A DG  22 ? A DG  23 ? 1_555 75.2  ? 
28 O6 ? A DG 21 ? A DG 22 ? 1_555 K ? B K . ? A K 1  ? 1_555 O6 ? A DG  22 ? A DG  23 ? 1_555 71.2  ? 
29 O6 ? A DG 3  ? A DG 4  ? 1_555 K ? B K . ? A K 1  ? 1_555 O  ? H HOH .  ? A HOH 38 ? 1_555 127.5 ? 
30 O6 ? A DG 4  ? A DG 5  ? 1_555 K ? B K . ? A K 1  ? 1_555 O  ? H HOH .  ? A HOH 38 ? 1_555 63.2  ? 
31 O6 ? A DG 9  ? A DG 10 ? 1_555 K ? B K . ? A K 1  ? 1_555 O  ? H HOH .  ? A HOH 38 ? 1_555 131.5 ? 
32 O6 ? A DG 10 ? A DG 11 ? 1_555 K ? B K . ? A K 1  ? 1_555 O  ? H HOH .  ? A HOH 38 ? 1_555 56.8  ? 
33 O6 ? A DG 15 ? A DG 16 ? 1_555 K ? B K . ? A K 1  ? 1_555 O  ? H HOH .  ? A HOH 38 ? 1_555 126.5 ? 
34 O6 ? A DG 16 ? A DG 17 ? 1_555 K ? B K . ? A K 1  ? 1_555 O  ? H HOH .  ? A HOH 38 ? 1_555 58.1  ? 
35 O6 ? A DG 21 ? A DG 22 ? 1_555 K ? B K . ? A K 1  ? 1_555 O  ? H HOH .  ? A HOH 38 ? 1_555 124.3 ? 
36 O6 ? A DG 22 ? A DG 23 ? 1_555 K ? B K . ? A K 1  ? 1_555 O  ? H HOH .  ? A HOH 38 ? 1_555 57.2  ? 
37 O6 ? A DG 2  ? A DG 3  ? 1_555 K ? C K . ? A K 24 ? 1_555 O6 ? A DG  3  ? A DG  4  ? 1_555 74.0  ? 
38 O6 ? A DG 2  ? A DG 3  ? 1_555 K ? C K . ? A K 24 ? 1_555 O6 ? A DG  8  ? A DG  9  ? 1_555 72.9  ? 
39 O6 ? A DG 3  ? A DG 4  ? 1_555 K ? C K . ? A K 24 ? 1_555 O6 ? A DG  8  ? A DG  9  ? 1_555 85.7  ? 
40 O6 ? A DG 2  ? A DG 3  ? 1_555 K ? C K . ? A K 24 ? 1_555 O6 ? A DG  9  ? A DG  10 ? 1_555 134.0 ? 
41 O6 ? A DG 3  ? A DG 4  ? 1_555 K ? C K . ? A K 24 ? 1_555 O6 ? A DG  9  ? A DG  10 ? 1_555 70.4  ? 
42 O6 ? A DG 8  ? A DG 9  ? 1_555 K ? C K . ? A K 24 ? 1_555 O6 ? A DG  9  ? A DG  10 ? 1_555 76.4  ? 
43 O6 ? A DG 2  ? A DG 3  ? 1_555 K ? C K . ? A K 24 ? 1_555 O6 ? A DG  14 ? A DG  15 ? 1_555 113.8 ? 
44 O6 ? A DG 3  ? A DG 4  ? 1_555 K ? C K . ? A K 24 ? 1_555 O6 ? A DG  14 ? A DG  15 ? 1_555 153.2 ? 
45 O6 ? A DG 8  ? A DG 9  ? 1_555 K ? C K . ? A K 24 ? 1_555 O6 ? A DG  14 ? A DG  15 ? 1_555 73.2  ? 
46 O6 ? A DG 9  ? A DG 10 ? 1_555 K ? C K . ? A K 24 ? 1_555 O6 ? A DG  14 ? A DG  15 ? 1_555 88.4  ? 
47 O6 ? A DG 2  ? A DG 3  ? 1_555 K ? C K . ? A K 24 ? 1_555 O6 ? A DG  15 ? A DG  16 ? 1_555 154.7 ? 
48 O6 ? A DG 3  ? A DG 4  ? 1_555 K ? C K . ? A K 24 ? 1_555 O6 ? A DG  15 ? A DG  16 ? 1_555 106.9 ? 
49 O6 ? A DG 8  ? A DG 9  ? 1_555 K ? C K . ? A K 24 ? 1_555 O6 ? A DG  15 ? A DG  16 ? 1_555 132.2 ? 
50 O6 ? A DG 9  ? A DG 10 ? 1_555 K ? C K . ? A K 24 ? 1_555 O6 ? A DG  15 ? A DG  16 ? 1_555 65.9  ? 
51 O6 ? A DG 14 ? A DG 15 ? 1_555 K ? C K . ? A K 24 ? 1_555 O6 ? A DG  15 ? A DG  16 ? 1_555 77.3  ? 
52 O6 ? A DG 2  ? A DG 3  ? 1_555 K ? C K . ? A K 24 ? 1_555 O6 ? A DG  20 ? A DG  21 ? 1_555 73.1  ? 
53 O6 ? A DG 3  ? A DG 4  ? 1_555 K ? C K . ? A K 24 ? 1_555 O6 ? A DG  20 ? A DG  21 ? 1_555 130.7 ? 
54 O6 ? A DG 8  ? A DG 9  ? 1_555 K ? C K . ? A K 24 ? 1_555 O6 ? A DG  20 ? A DG  21 ? 1_555 117.6 ? 
55 O6 ? A DG 9  ? A DG 10 ? 1_555 K ? C K . ? A K 24 ? 1_555 O6 ? A DG  20 ? A DG  21 ? 1_555 152.8 ? 
56 O6 ? A DG 14 ? A DG 15 ? 1_555 K ? C K . ? A K 24 ? 1_555 O6 ? A DG  20 ? A DG  21 ? 1_555 75.0  ? 
57 O6 ? A DG 15 ? A DG 16 ? 1_555 K ? C K . ? A K 24 ? 1_555 O6 ? A DG  20 ? A DG  21 ? 1_555 89.1  ? 
58 O6 ? A DG 2  ? A DG 3  ? 1_555 K ? C K . ? A K 24 ? 1_555 O6 ? A DG  21 ? A DG  22 ? 1_555 87.4  ? 
59 O6 ? A DG 3  ? A DG 4  ? 1_555 K ? C K . ? A K 24 ? 1_555 O6 ? A DG  21 ? A DG  22 ? 1_555 66.4  ? 
60 O6 ? A DG 8  ? A DG 9  ? 1_555 K ? C K . ? A K 24 ? 1_555 O6 ? A DG  21 ? A DG  22 ? 1_555 149.6 ? 
61 O6 ? A DG 9  ? A DG 10 ? 1_555 K ? C K . ? A K 24 ? 1_555 O6 ? A DG  21 ? A DG  22 ? 1_555 103.5 ? 
62 O6 ? A DG 14 ? A DG 15 ? 1_555 K ? C K . ? A K 24 ? 1_555 O6 ? A DG  21 ? A DG  22 ? 1_555 137.0 ? 
63 O6 ? A DG 15 ? A DG 16 ? 1_555 K ? C K . ? A K 24 ? 1_555 O6 ? A DG  21 ? A DG  22 ? 1_555 70.7  ? 
64 O6 ? A DG 20 ? A DG 21 ? 1_555 K ? C K . ? A K 24 ? 1_555 O6 ? A DG  21 ? A DG  22 ? 1_555 76.4  ? 
# 
loop_
_pdbx_audit_revision_history.ordinal 
_pdbx_audit_revision_history.data_content_type 
_pdbx_audit_revision_history.major_revision 
_pdbx_audit_revision_history.minor_revision 
_pdbx_audit_revision_history.revision_date 
1 'Structure model' 1 0 2012-02-29 
2 'Structure model' 1 1 2013-01-30 
3 'Structure model' 1 2 2023-09-13 
# 
_pdbx_audit_revision_details.ordinal             1 
_pdbx_audit_revision_details.revision_ordinal    1 
_pdbx_audit_revision_details.data_content_type   'Structure model' 
_pdbx_audit_revision_details.provider            repository 
_pdbx_audit_revision_details.type                'Initial release' 
_pdbx_audit_revision_details.description         ? 
_pdbx_audit_revision_details.details             ? 
# 
loop_
_pdbx_audit_revision_group.ordinal 
_pdbx_audit_revision_group.revision_ordinal 
_pdbx_audit_revision_group.data_content_type 
_pdbx_audit_revision_group.group 
1 2 'Structure model' 'Database references'    
2 3 'Structure model' 'Data collection'        
3 3 'Structure model' 'Database references'    
4 3 'Structure model' 'Derived calculations'   
5 3 'Structure model' 'Refinement description' 
# 
loop_
_pdbx_audit_revision_category.ordinal 
_pdbx_audit_revision_category.revision_ordinal 
_pdbx_audit_revision_category.data_content_type 
_pdbx_audit_revision_category.category 
1 3 'Structure model' chem_comp_atom                
2 3 'Structure model' chem_comp_bond                
3 3 'Structure model' database_2                    
4 3 'Structure model' diffrn_source                 
5 3 'Structure model' pdbx_initial_refinement_model 
6 3 'Structure model' pdbx_struct_conn_angle        
7 3 'Structure model' struct_conn                   
8 3 'Structure model' struct_site                   
# 
loop_
_pdbx_audit_revision_item.ordinal 
_pdbx_audit_revision_item.revision_ordinal 
_pdbx_audit_revision_item.data_content_type 
_pdbx_audit_revision_item.item 
1  3 'Structure model' '_database_2.pdbx_DOI'                        
2  3 'Structure model' '_database_2.pdbx_database_accession'         
3  3 'Structure model' '_diffrn_source.pdbx_synchrotron_site'        
4  3 'Structure model' '_pdbx_struct_conn_angle.ptnr1_auth_seq_id'   
5  3 'Structure model' '_pdbx_struct_conn_angle.ptnr1_label_seq_id'  
6  3 'Structure model' '_pdbx_struct_conn_angle.ptnr2_auth_seq_id'   
7  3 'Structure model' '_pdbx_struct_conn_angle.ptnr2_label_asym_id' 
8  3 'Structure model' '_pdbx_struct_conn_angle.ptnr3_auth_comp_id'  
9  3 'Structure model' '_pdbx_struct_conn_angle.ptnr3_auth_seq_id'   
10 3 'Structure model' '_pdbx_struct_conn_angle.ptnr3_label_asym_id' 
11 3 'Structure model' '_pdbx_struct_conn_angle.ptnr3_label_atom_id' 
12 3 'Structure model' '_pdbx_struct_conn_angle.ptnr3_label_comp_id' 
13 3 'Structure model' '_pdbx_struct_conn_angle.ptnr3_label_seq_id'  
14 3 'Structure model' '_pdbx_struct_conn_angle.value'               
15 3 'Structure model' '_struct_conn.pdbx_dist_value'                
16 3 'Structure model' '_struct_conn.ptnr1_auth_comp_id'             
17 3 'Structure model' '_struct_conn.ptnr1_auth_seq_id'              
18 3 'Structure model' '_struct_conn.ptnr1_label_asym_id'            
19 3 'Structure model' '_struct_conn.ptnr1_label_atom_id'            
20 3 'Structure model' '_struct_conn.ptnr1_label_comp_id'            
21 3 'Structure model' '_struct_conn.ptnr1_label_seq_id'             
22 3 'Structure model' '_struct_conn.ptnr2_auth_comp_id'             
23 3 'Structure model' '_struct_conn.ptnr2_auth_seq_id'              
24 3 'Structure model' '_struct_conn.ptnr2_label_asym_id'            
25 3 'Structure model' '_struct_conn.ptnr2_label_atom_id'            
26 3 'Structure model' '_struct_conn.ptnr2_label_comp_id'            
27 3 'Structure model' '_struct_conn.ptnr2_label_seq_id'             
28 3 'Structure model' '_struct_site.pdbx_auth_asym_id'              
29 3 'Structure model' '_struct_site.pdbx_auth_comp_id'              
30 3 'Structure model' '_struct_site.pdbx_auth_seq_id'               
# 
_pdbx_phasing_MR.entry_id                     3R6R 
_pdbx_phasing_MR.method_rotation              ? 
_pdbx_phasing_MR.method_translation           ? 
_pdbx_phasing_MR.model_details                ? 
_pdbx_phasing_MR.R_factor                     ? 
_pdbx_phasing_MR.R_rigid_body                 ? 
_pdbx_phasing_MR.correlation_coeff_Fo_to_Fc   ? 
_pdbx_phasing_MR.correlation_coeff_Io_to_Ic   ? 
_pdbx_phasing_MR.d_res_high_rotation          3.500 
_pdbx_phasing_MR.d_res_low_rotation           41.810 
_pdbx_phasing_MR.d_res_high_translation       3.500 
_pdbx_phasing_MR.d_res_low_translation        41.810 
_pdbx_phasing_MR.packing                      ? 
_pdbx_phasing_MR.reflns_percent_rotation      ? 
_pdbx_phasing_MR.reflns_percent_translation   ? 
_pdbx_phasing_MR.sigma_F_rotation             ? 
_pdbx_phasing_MR.sigma_F_translation          ? 
_pdbx_phasing_MR.sigma_I_rotation             ? 
_pdbx_phasing_MR.sigma_I_translation          ? 
# 
_phasing.method   MR 
# 
loop_
_software.pdbx_ordinal 
_software.name 
_software.version 
_software.date 
_software.type 
_software.contact_author 
_software.contact_author_email 
_software.classification 
_software.location 
_software.language 
_software.citation_id 
1 MOSFLM      .     ?               package 'Andrew G.W. Leslie' andrew@mrc-lmb.cam.ac.uk 'data reduction'  
http://www.mrc-lmb.cam.ac.uk/harry/mosflm/   ?          ? 
2 SCALA       3.3.9 2008/10/21      other   'Phil R. Evans'      pre@mrc-lmb.cam.ac.uk    'data scaling'    
http://www.ccp4.ac.uk/dist/html/scala.html   Fortran_77 ? 
3 MOLREP      .     ?               program 'Alexei Vaguine'     alexei@ysbl.york.ac.uk   phasing           
http://www.ccp4.ac.uk/dist/html/molrep.html  Fortran_77 ? 
4 REFMAC      .     ?               program 'Garib N. Murshudov' garib@ysbl.york.ac.uk    refinement        
http://www.ccp4.ac.uk/dist/html/refmac5.html Fortran_77 ? 
5 PDB_EXTRACT 3.10  'June 10, 2010' package PDB                  deposit@deposit.rcsb.org 'data extraction' 
http://sw-tools.pdb.org/apps/PDB_EXTRACT/    C++        ? 
6 MAR345dtb   .     ?               ?       ?                    ?                        'data collection' ? ?          ? 
# 
loop_
_pdbx_validate_rmsd_angle.id 
_pdbx_validate_rmsd_angle.PDB_model_num 
_pdbx_validate_rmsd_angle.auth_atom_id_1 
_pdbx_validate_rmsd_angle.auth_asym_id_1 
_pdbx_validate_rmsd_angle.auth_comp_id_1 
_pdbx_validate_rmsd_angle.auth_seq_id_1 
_pdbx_validate_rmsd_angle.PDB_ins_code_1 
_pdbx_validate_rmsd_angle.label_alt_id_1 
_pdbx_validate_rmsd_angle.auth_atom_id_2 
_pdbx_validate_rmsd_angle.auth_asym_id_2 
_pdbx_validate_rmsd_angle.auth_comp_id_2 
_pdbx_validate_rmsd_angle.auth_seq_id_2 
_pdbx_validate_rmsd_angle.PDB_ins_code_2 
_pdbx_validate_rmsd_angle.label_alt_id_2 
_pdbx_validate_rmsd_angle.auth_atom_id_3 
_pdbx_validate_rmsd_angle.auth_asym_id_3 
_pdbx_validate_rmsd_angle.auth_comp_id_3 
_pdbx_validate_rmsd_angle.auth_seq_id_3 
_pdbx_validate_rmsd_angle.PDB_ins_code_3 
_pdbx_validate_rmsd_angle.label_alt_id_3 
_pdbx_validate_rmsd_angle.angle_value 
_pdbx_validate_rmsd_angle.angle_target_value 
_pdbx_validate_rmsd_angle.angle_deviation 
_pdbx_validate_rmsd_angle.angle_standard_deviation 
_pdbx_validate_rmsd_angle.linker_flag 
1 1 "C4'" A DA 2  ? ? "C3'" A DA 2  ? ? "C2'" A DA 2  ? ? 109.11 103.10 6.01  0.90 N 
2 1 "O4'" A DA 2  ? ? "C1'" A DA 2  ? ? N9    A DA 2  ? ? 111.81 108.30 3.51  0.30 N 
3 1 "C3'" A DT 18 ? ? "O3'" A DT 18 ? ? P     A DT 19 ? ? 129.95 119.70 10.25 1.20 Y 
# 
loop_
_chem_comp_atom.comp_id 
_chem_comp_atom.atom_id 
_chem_comp_atom.type_symbol 
_chem_comp_atom.pdbx_aromatic_flag 
_chem_comp_atom.pdbx_stereo_config 
_chem_comp_atom.pdbx_ordinal 
BER C1     C Y N 1   
BER C2     C Y N 2   
BER N1     N Y N 3   
BER C3     C Y N 4   
BER C4     C Y N 5   
BER C5     C Y N 6   
BER C6     C Y N 7   
BER C7     C N N 8   
BER C8     C Y N 9   
BER C9     C Y N 10  
BER C10    C N N 11  
BER C11    C Y N 12  
BER C12    C Y N 13  
BER C13    C Y N 14  
BER C14    C Y N 15  
BER O1     O N N 16  
BER C15    C Y N 17  
BER C16    C Y N 18  
BER O2     O N N 19  
BER C17    C N N 20  
BER C18    C Y N 21  
BER O3     O N N 22  
BER O4     O N N 23  
BER C19    C N N 24  
BER C20    C N N 25  
BER H31    H N N 26  
BER H51    H N N 27  
BER H61    H N N 28  
BER H71    H N N 29  
BER H72    H N N 30  
BER H91    H N N 31  
BER H101   H N N 32  
BER H102   H N N 33  
BER H131   H N N 34  
BER H161   H N N 35  
BER H171   H N N 36  
BER H172   H N N 37  
BER H191   H N N 38  
BER H192   H N N 39  
BER H193   H N N 40  
BER H201   H N N 41  
BER H202   H N N 42  
BER H203   H N N 43  
DA  OP3    O N N 44  
DA  P      P N N 45  
DA  OP1    O N N 46  
DA  OP2    O N N 47  
DA  "O5'"  O N N 48  
DA  "C5'"  C N N 49  
DA  "C4'"  C N R 50  
DA  "O4'"  O N N 51  
DA  "C3'"  C N S 52  
DA  "O3'"  O N N 53  
DA  "C2'"  C N N 54  
DA  "C1'"  C N R 55  
DA  N9     N Y N 56  
DA  C8     C Y N 57  
DA  N7     N Y N 58  
DA  C5     C Y N 59  
DA  C6     C Y N 60  
DA  N6     N N N 61  
DA  N1     N Y N 62  
DA  C2     C Y N 63  
DA  N3     N Y N 64  
DA  C4     C Y N 65  
DA  HOP3   H N N 66  
DA  HOP2   H N N 67  
DA  "H5'"  H N N 68  
DA  "H5''" H N N 69  
DA  "H4'"  H N N 70  
DA  "H3'"  H N N 71  
DA  "HO3'" H N N 72  
DA  "H2'"  H N N 73  
DA  "H2''" H N N 74  
DA  "H1'"  H N N 75  
DA  H8     H N N 76  
DA  H61    H N N 77  
DA  H62    H N N 78  
DA  H2     H N N 79  
DG  OP3    O N N 80  
DG  P      P N N 81  
DG  OP1    O N N 82  
DG  OP2    O N N 83  
DG  "O5'"  O N N 84  
DG  "C5'"  C N N 85  
DG  "C4'"  C N R 86  
DG  "O4'"  O N N 87  
DG  "C3'"  C N S 88  
DG  "O3'"  O N N 89  
DG  "C2'"  C N N 90  
DG  "C1'"  C N R 91  
DG  N9     N Y N 92  
DG  C8     C Y N 93  
DG  N7     N Y N 94  
DG  C5     C Y N 95  
DG  C6     C N N 96  
DG  O6     O N N 97  
DG  N1     N N N 98  
DG  C2     C N N 99  
DG  N2     N N N 100 
DG  N3     N N N 101 
DG  C4     C Y N 102 
DG  HOP3   H N N 103 
DG  HOP2   H N N 104 
DG  "H5'"  H N N 105 
DG  "H5''" H N N 106 
DG  "H4'"  H N N 107 
DG  "H3'"  H N N 108 
DG  "HO3'" H N N 109 
DG  "H2'"  H N N 110 
DG  "H2''" H N N 111 
DG  "H1'"  H N N 112 
DG  H8     H N N 113 
DG  H1     H N N 114 
DG  H21    H N N 115 
DG  H22    H N N 116 
DT  OP3    O N N 117 
DT  P      P N N 118 
DT  OP1    O N N 119 
DT  OP2    O N N 120 
DT  "O5'"  O N N 121 
DT  "C5'"  C N N 122 
DT  "C4'"  C N R 123 
DT  "O4'"  O N N 124 
DT  "C3'"  C N S 125 
DT  "O3'"  O N N 126 
DT  "C2'"  C N N 127 
DT  "C1'"  C N R 128 
DT  N1     N N N 129 
DT  C2     C N N 130 
DT  O2     O N N 131 
DT  N3     N N N 132 
DT  C4     C N N 133 
DT  O4     O N N 134 
DT  C5     C N N 135 
DT  C7     C N N 136 
DT  C6     C N N 137 
DT  HOP3   H N N 138 
DT  HOP2   H N N 139 
DT  "H5'"  H N N 140 
DT  "H5''" H N N 141 
DT  "H4'"  H N N 142 
DT  "H3'"  H N N 143 
DT  "HO3'" H N N 144 
DT  "H2'"  H N N 145 
DT  "H2''" H N N 146 
DT  "H1'"  H N N 147 
DT  H3     H N N 148 
DT  H71    H N N 149 
DT  H72    H N N 150 
DT  H73    H N N 151 
DT  H6     H N N 152 
HOH O      O N N 153 
HOH H1     H N N 154 
HOH H2     H N N 155 
K   K      K N N 156 
# 
loop_
_chem_comp_bond.comp_id 
_chem_comp_bond.atom_id_1 
_chem_comp_bond.atom_id_2 
_chem_comp_bond.value_order 
_chem_comp_bond.pdbx_aromatic_flag 
_chem_comp_bond.pdbx_stereo_config 
_chem_comp_bond.pdbx_ordinal 
BER C1    C2     sing Y N 1   
BER C1    N1     doub Y N 2   
BER C1    C3     sing Y N 3   
BER C2    C4     doub Y N 4   
BER C2    C5     sing Y N 5   
BER N1    C6     sing Y N 6   
BER N1    C7     sing N N 7   
BER C3    C8     doub Y N 8   
BER C3    H31    sing N N 9   
BER C4    C9     sing Y N 10  
BER C4    C10    sing N N 11  
BER C5    C11    doub Y N 12  
BER C5    H51    sing N N 13  
BER C6    C12    doub Y N 14  
BER C6    H61    sing N N 15  
BER C7    C10    sing N N 16  
BER C7    H71    sing N N 17  
BER C7    H72    sing N N 18  
BER C8    C12    sing Y N 19  
BER C8    C13    sing Y N 20  
BER C9    C14    doub Y N 21  
BER C9    H91    sing N N 22  
BER C10   H101   sing N N 23  
BER C10   H102   sing N N 24  
BER C11   C14    sing Y N 25  
BER C11   O1     sing N N 26  
BER C12   C15    sing Y N 27  
BER C13   C16    doub Y N 28  
BER C13   H131   sing N N 29  
BER C14   O2     sing N N 30  
BER O1    C17    sing N N 31  
BER C15   C18    doub Y N 32  
BER C15   O3     sing N N 33  
BER C16   C18    sing Y N 34  
BER C16   H161   sing N N 35  
BER O2    C17    sing N N 36  
BER C17   H171   sing N N 37  
BER C17   H172   sing N N 38  
BER C18   O4     sing N N 39  
BER O3    C19    sing N N 40  
BER O4    C20    sing N N 41  
BER C19   H191   sing N N 42  
BER C19   H192   sing N N 43  
BER C19   H193   sing N N 44  
BER C20   H201   sing N N 45  
BER C20   H202   sing N N 46  
BER C20   H203   sing N N 47  
DA  OP3   P      sing N N 48  
DA  OP3   HOP3   sing N N 49  
DA  P     OP1    doub N N 50  
DA  P     OP2    sing N N 51  
DA  P     "O5'"  sing N N 52  
DA  OP2   HOP2   sing N N 53  
DA  "O5'" "C5'"  sing N N 54  
DA  "C5'" "C4'"  sing N N 55  
DA  "C5'" "H5'"  sing N N 56  
DA  "C5'" "H5''" sing N N 57  
DA  "C4'" "O4'"  sing N N 58  
DA  "C4'" "C3'"  sing N N 59  
DA  "C4'" "H4'"  sing N N 60  
DA  "O4'" "C1'"  sing N N 61  
DA  "C3'" "O3'"  sing N N 62  
DA  "C3'" "C2'"  sing N N 63  
DA  "C3'" "H3'"  sing N N 64  
DA  "O3'" "HO3'" sing N N 65  
DA  "C2'" "C1'"  sing N N 66  
DA  "C2'" "H2'"  sing N N 67  
DA  "C2'" "H2''" sing N N 68  
DA  "C1'" N9     sing N N 69  
DA  "C1'" "H1'"  sing N N 70  
DA  N9    C8     sing Y N 71  
DA  N9    C4     sing Y N 72  
DA  C8    N7     doub Y N 73  
DA  C8    H8     sing N N 74  
DA  N7    C5     sing Y N 75  
DA  C5    C6     sing Y N 76  
DA  C5    C4     doub Y N 77  
DA  C6    N6     sing N N 78  
DA  C6    N1     doub Y N 79  
DA  N6    H61    sing N N 80  
DA  N6    H62    sing N N 81  
DA  N1    C2     sing Y N 82  
DA  C2    N3     doub Y N 83  
DA  C2    H2     sing N N 84  
DA  N3    C4     sing Y N 85  
DG  OP3   P      sing N N 86  
DG  OP3   HOP3   sing N N 87  
DG  P     OP1    doub N N 88  
DG  P     OP2    sing N N 89  
DG  P     "O5'"  sing N N 90  
DG  OP2   HOP2   sing N N 91  
DG  "O5'" "C5'"  sing N N 92  
DG  "C5'" "C4'"  sing N N 93  
DG  "C5'" "H5'"  sing N N 94  
DG  "C5'" "H5''" sing N N 95  
DG  "C4'" "O4'"  sing N N 96  
DG  "C4'" "C3'"  sing N N 97  
DG  "C4'" "H4'"  sing N N 98  
DG  "O4'" "C1'"  sing N N 99  
DG  "C3'" "O3'"  sing N N 100 
DG  "C3'" "C2'"  sing N N 101 
DG  "C3'" "H3'"  sing N N 102 
DG  "O3'" "HO3'" sing N N 103 
DG  "C2'" "C1'"  sing N N 104 
DG  "C2'" "H2'"  sing N N 105 
DG  "C2'" "H2''" sing N N 106 
DG  "C1'" N9     sing N N 107 
DG  "C1'" "H1'"  sing N N 108 
DG  N9    C8     sing Y N 109 
DG  N9    C4     sing Y N 110 
DG  C8    N7     doub Y N 111 
DG  C8    H8     sing N N 112 
DG  N7    C5     sing Y N 113 
DG  C5    C6     sing N N 114 
DG  C5    C4     doub Y N 115 
DG  C6    O6     doub N N 116 
DG  C6    N1     sing N N 117 
DG  N1    C2     sing N N 118 
DG  N1    H1     sing N N 119 
DG  C2    N2     sing N N 120 
DG  C2    N3     doub N N 121 
DG  N2    H21    sing N N 122 
DG  N2    H22    sing N N 123 
DG  N3    C4     sing N N 124 
DT  OP3   P      sing N N 125 
DT  OP3   HOP3   sing N N 126 
DT  P     OP1    doub N N 127 
DT  P     OP2    sing N N 128 
DT  P     "O5'"  sing N N 129 
DT  OP2   HOP2   sing N N 130 
DT  "O5'" "C5'"  sing N N 131 
DT  "C5'" "C4'"  sing N N 132 
DT  "C5'" "H5'"  sing N N 133 
DT  "C5'" "H5''" sing N N 134 
DT  "C4'" "O4'"  sing N N 135 
DT  "C4'" "C3'"  sing N N 136 
DT  "C4'" "H4'"  sing N N 137 
DT  "O4'" "C1'"  sing N N 138 
DT  "C3'" "O3'"  sing N N 139 
DT  "C3'" "C2'"  sing N N 140 
DT  "C3'" "H3'"  sing N N 141 
DT  "O3'" "HO3'" sing N N 142 
DT  "C2'" "C1'"  sing N N 143 
DT  "C2'" "H2'"  sing N N 144 
DT  "C2'" "H2''" sing N N 145 
DT  "C1'" N1     sing N N 146 
DT  "C1'" "H1'"  sing N N 147 
DT  N1    C2     sing N N 148 
DT  N1    C6     sing N N 149 
DT  C2    O2     doub N N 150 
DT  C2    N3     sing N N 151 
DT  N3    C4     sing N N 152 
DT  N3    H3     sing N N 153 
DT  C4    O4     doub N N 154 
DT  C4    C5     sing N N 155 
DT  C5    C7     sing N N 156 
DT  C5    C6     doub N N 157 
DT  C7    H71    sing N N 158 
DT  C7    H72    sing N N 159 
DT  C7    H73    sing N N 160 
DT  C6    H6     sing N N 161 
HOH O     H1     sing N N 162 
HOH O     H2     sing N N 163 
# 
_ndb_struct_conf_na.entry_id   3R6R 
_ndb_struct_conf_na.feature    'quadruple helix' 
# 
loop_
_pdbx_entity_nonpoly.entity_id 
_pdbx_entity_nonpoly.name 
_pdbx_entity_nonpoly.comp_id 
2 'POTASSIUM ION' K   
3 BERBERINE       BER 
4 water           HOH 
# 
_pdbx_initial_refinement_model.id               1 
_pdbx_initial_refinement_model.entity_id_list   ? 
_pdbx_initial_refinement_model.type             'experimental model' 
_pdbx_initial_refinement_model.source_name      PDB 
_pdbx_initial_refinement_model.accession_code   3CDM 
_pdbx_initial_refinement_model.details          'pdb entry code 3CDM' 
# 
